data_9HBS
#
_entry.id   9HBS
#
_cell.length_a   1.00
_cell.length_b   1.00
_cell.length_c   1.00
_cell.angle_alpha   90.00
_cell.angle_beta   90.00
_cell.angle_gamma   90.00
#
_symmetry.space_group_name_H-M   'P 1'
#
loop_
_entity.id
_entity.type
_entity.pdbx_description
1 polymer 'Tilapia Lake Virus nucleoprotein (segment 4)'
2 polymer '40-mer vRNA loop'
#
loop_
_entity_poly.entity_id
_entity_poly.type
_entity_poly.pdbx_seq_one_letter_code
_entity_poly.pdbx_strand_id
1 'polypeptide(L)'
;MVRTTKTSMAAASTVAPEVAMDEGSPSTSQAQVELPRNLEVFNEACGHVFGSSFNREDNSVISDAAAFLFKMHTHSLDGQ
EAKVLRASEKKRERENAKKSRKAPEAGMRVGRSLILTSRWTEYCATCVPALGSKMKVIKASGDAAMIQMMKDHNSLLRVC
VRIEVWKARYVSLVALDERIQTLEDAQWFPYLSGDSYRACPGLVGGYFAKKAAAGERGKNYKKLNQTAIIPPPRFLIIGH
RLQIGDQVTLRELLASIAWGLCDGVLAECWSPSQGDGSIGVVVGLPLQATGSCFLVVASHGLSAIADSRIEGTGNTNLLE
ECIAIQKQDGVIKCKRSGKSLYHCLKETAGAVGR
;
A,B,C,D
2 'polyribonucleotide'
;(P5P)(P5P)(P5P)(P5P)(P5P)(Y5P)(Y5P)(Y5P)(P5P)(Y5P)(Y5P)(Y5P)(Y5P)(Y5P)(P5P)(Y5P)
(P5P)(Y5P)(Y5P)(Y5P)(P5P)(P5P)(Y5P)(P5P)(Y5P)(P5P)(P5P)(P5P)(P5P)(P5P)(P5P)(P5P)
(P5P)(Y5P)(Y5P)(Y5P)(Y5P)(P5P)
;
G,H
#
# COMPACT_ATOMS: atom_id res chain seq x y z
N GLU A 34 -18.68 -29.77 -44.87
CA GLU A 34 -19.76 -28.94 -44.36
C GLU A 34 -19.29 -28.12 -43.16
N LEU A 35 -17.99 -27.86 -43.09
CA LEU A 35 -17.43 -27.11 -41.99
C LEU A 35 -17.85 -25.64 -42.09
N PRO A 36 -17.92 -24.94 -40.96
CA PRO A 36 -18.27 -23.51 -41.01
C PRO A 36 -17.22 -22.72 -41.76
N ARG A 37 -17.66 -21.57 -42.30
CA ARG A 37 -16.76 -20.71 -43.05
C ARG A 37 -15.52 -20.34 -42.23
N ASN A 38 -15.69 -20.20 -40.91
CA ASN A 38 -14.56 -19.85 -40.06
C ASN A 38 -13.40 -20.84 -40.23
N LEU A 39 -13.69 -22.13 -40.10
CA LEU A 39 -12.65 -23.14 -40.24
C LEU A 39 -12.27 -23.39 -41.69
N GLU A 40 -13.24 -23.23 -42.61
CA GLU A 40 -12.95 -23.43 -44.02
C GLU A 40 -11.92 -22.43 -44.52
N VAL A 41 -12.04 -21.17 -44.08
CA VAL A 41 -11.08 -20.15 -44.51
C VAL A 41 -9.68 -20.53 -44.05
N PHE A 42 -9.55 -20.95 -42.79
CA PHE A 42 -8.24 -21.31 -42.28
C PHE A 42 -7.67 -22.52 -43.01
N ASN A 43 -8.50 -23.53 -43.26
CA ASN A 43 -8.01 -24.70 -43.97
C ASN A 43 -7.53 -24.33 -45.36
N GLU A 44 -8.31 -23.52 -46.09
CA GLU A 44 -7.91 -23.13 -47.43
C GLU A 44 -6.62 -22.32 -47.40
N ALA A 45 -6.51 -21.39 -46.47
CA ALA A 45 -5.30 -20.57 -46.38
C ALA A 45 -4.08 -21.43 -46.08
N CYS A 46 -4.20 -22.35 -45.12
CA CYS A 46 -3.08 -23.22 -44.77
C CYS A 46 -2.67 -24.07 -45.96
N GLY A 47 -3.64 -24.64 -46.67
CA GLY A 47 -3.31 -25.39 -47.87
C GLY A 47 -2.57 -24.54 -48.88
N HIS A 48 -3.13 -23.38 -49.21
CA HIS A 48 -2.52 -22.53 -50.23
C HIS A 48 -1.10 -22.14 -49.84
N VAL A 49 -0.85 -21.93 -48.55
CA VAL A 49 0.44 -21.42 -48.12
C VAL A 49 1.48 -22.50 -47.91
N PHE A 50 1.09 -23.73 -47.57
CA PHE A 50 2.05 -24.76 -47.21
C PHE A 50 1.97 -26.03 -48.04
N GLY A 51 1.16 -26.07 -49.11
CA GLY A 51 1.16 -27.25 -49.95
C GLY A 51 0.80 -28.48 -49.15
N SER A 52 1.48 -29.60 -49.47
CA SER A 52 1.27 -30.85 -48.75
C SER A 52 2.08 -30.94 -47.46
N SER A 53 3.06 -30.04 -47.27
CA SER A 53 3.86 -30.09 -46.05
C SER A 53 3.03 -29.84 -44.80
N PHE A 54 1.84 -29.27 -44.95
CA PHE A 54 0.96 -28.99 -43.82
C PHE A 54 0.23 -30.26 -43.42
N ASN A 55 0.61 -30.84 -42.29
CA ASN A 55 -0.06 -32.01 -41.75
C ASN A 55 -1.16 -31.56 -40.79
N ARG A 56 -2.39 -32.03 -41.03
CA ARG A 56 -3.54 -31.63 -40.25
C ARG A 56 -3.75 -32.50 -39.02
N GLU A 57 -2.74 -33.26 -38.59
CA GLU A 57 -2.85 -34.13 -37.44
C GLU A 57 -1.75 -33.90 -36.40
N ASP A 58 -0.81 -33.00 -36.65
CA ASP A 58 0.27 -32.71 -35.72
C ASP A 58 0.03 -31.35 -35.08
N ASN A 59 -0.12 -31.35 -33.76
CA ASN A 59 -0.45 -30.11 -33.06
C ASN A 59 0.65 -29.08 -33.21
N SER A 60 1.91 -29.52 -33.14
CA SER A 60 3.01 -28.57 -33.31
C SER A 60 3.00 -27.96 -34.70
N VAL A 61 2.73 -28.78 -35.73
CA VAL A 61 2.71 -28.25 -37.10
C VAL A 61 1.57 -27.27 -37.29
N ILE A 62 0.37 -27.63 -36.80
CA ILE A 62 -0.76 -26.71 -36.89
C ILE A 62 -0.43 -25.42 -36.19
N SER A 63 0.21 -25.50 -35.02
CA SER A 63 0.53 -24.29 -34.26
C SER A 63 1.55 -23.42 -35.00
N ASP A 64 2.56 -24.06 -35.61
CA ASP A 64 3.53 -23.29 -36.37
C ASP A 64 2.87 -22.60 -37.56
N ALA A 65 2.02 -23.32 -38.29
CA ALA A 65 1.32 -22.72 -39.42
C ALA A 65 0.42 -21.59 -38.96
N ALA A 66 -0.27 -21.78 -37.84
CA ALA A 66 -1.16 -20.74 -37.32
C ALA A 66 -0.39 -19.49 -36.95
N ALA A 67 0.77 -19.65 -36.29
CA ALA A 67 1.58 -18.49 -35.96
C ALA A 67 2.08 -17.80 -37.23
N PHE A 68 2.49 -18.59 -38.24
CA PHE A 68 2.95 -18.01 -39.49
C PHE A 68 1.84 -17.19 -40.15
N LEU A 69 0.64 -17.75 -40.23
CA LEU A 69 -0.47 -17.03 -40.84
C LEU A 69 -0.82 -15.79 -40.03
N PHE A 70 -0.76 -15.88 -38.70
CA PHE A 70 -1.05 -14.72 -37.88
C PHE A 70 -0.06 -13.60 -38.13
N LYS A 71 1.23 -13.92 -38.21
CA LYS A 71 2.22 -12.89 -38.45
C LYS A 71 2.14 -12.35 -39.88
N MET A 72 1.72 -13.18 -40.83
CA MET A 72 1.54 -12.69 -42.19
C MET A 72 0.36 -11.72 -42.29
N HIS A 73 -0.79 -12.11 -41.75
CA HIS A 73 -1.99 -11.28 -41.84
C HIS A 73 -1.94 -10.07 -40.94
N THR A 74 -1.01 -10.02 -39.99
CA THR A 74 -0.78 -8.83 -39.18
C THR A 74 0.30 -7.94 -39.77
N HIS A 75 0.85 -8.30 -40.92
CA HIS A 75 1.90 -7.52 -41.57
C HIS A 75 3.14 -7.44 -40.70
N SER A 76 3.69 -8.61 -40.36
CA SER A 76 4.90 -8.71 -39.57
C SER A 76 6.00 -9.49 -40.27
N LEU A 77 5.72 -10.12 -41.40
CA LEU A 77 6.74 -10.82 -42.16
C LEU A 77 7.66 -9.83 -42.85
N ASP A 78 8.84 -10.33 -43.27
CA ASP A 78 9.79 -9.48 -43.96
C ASP A 78 9.25 -9.04 -45.30
N GLY A 79 9.55 -7.81 -45.68
CA GLY A 79 9.10 -7.27 -46.96
C GLY A 79 7.69 -6.78 -46.98
N GLN A 80 6.99 -6.78 -45.85
CA GLN A 80 5.61 -6.32 -45.76
C GLN A 80 5.57 -4.84 -45.39
N GLU A 81 4.37 -4.27 -45.44
CA GLU A 81 4.20 -2.85 -45.18
C GLU A 81 4.71 -2.48 -43.80
N ALA A 82 5.17 -1.23 -43.65
CA ALA A 82 5.81 -0.77 -42.42
C ALA A 82 4.78 -0.07 -41.54
N LYS A 83 4.79 -0.41 -40.25
CA LYS A 83 3.87 0.17 -39.28
C LYS A 83 4.48 1.49 -38.79
N VAL A 84 4.35 2.52 -39.62
CA VAL A 84 5.01 3.80 -39.38
C VAL A 84 3.98 4.90 -39.25
N LEU A 85 2.78 4.56 -38.79
CA LEU A 85 1.76 5.58 -38.58
C LEU A 85 2.17 6.52 -37.44
N ARG A 86 2.63 5.97 -36.32
CA ARG A 86 3.09 6.76 -35.19
C ARG A 86 4.32 6.14 -34.55
N ALA A 87 5.12 5.44 -35.34
CA ALA A 87 6.26 4.70 -34.78
C ALA A 87 7.30 5.67 -34.21
N SER A 88 7.85 5.30 -33.06
CA SER A 88 8.94 6.05 -32.47
C SER A 88 10.22 5.80 -33.26
N GLU A 89 11.29 6.50 -32.89
CA GLU A 89 12.53 6.42 -33.65
C GLU A 89 13.00 4.97 -33.78
N LYS A 90 13.11 4.27 -32.65
CA LYS A 90 13.54 2.88 -32.71
C LYS A 90 12.52 2.02 -33.44
N LYS A 91 11.24 2.23 -33.16
CA LYS A 91 10.20 1.46 -33.84
C LYS A 91 10.16 1.79 -35.33
N ARG A 92 10.34 3.07 -35.67
CA ARG A 92 10.38 3.46 -37.08
C ARG A 92 11.53 2.76 -37.79
N GLU A 93 12.71 2.74 -37.16
CA GLU A 93 13.86 2.08 -37.75
C GLU A 93 13.61 0.58 -37.91
N ARG A 94 13.01 -0.04 -36.90
CA ARG A 94 12.72 -1.47 -36.97
C ARG A 94 11.76 -1.77 -38.10
N GLU A 95 10.70 -0.97 -38.24
CA GLU A 95 9.73 -1.19 -39.30
C GLU A 95 10.37 -0.99 -40.67
N ASN A 96 11.20 0.04 -40.81
CA ASN A 96 11.86 0.30 -42.09
C ASN A 96 12.81 -0.84 -42.45
N ALA A 97 13.56 -1.36 -41.47
CA ALA A 97 14.43 -2.49 -41.73
C ALA A 97 13.62 -3.73 -42.12
N LYS A 98 12.50 -3.95 -41.44
CA LYS A 98 11.65 -5.09 -41.78
C LYS A 98 11.15 -4.98 -43.21
N LYS A 99 10.70 -3.79 -43.62
CA LYS A 99 10.25 -3.59 -44.98
C LYS A 99 11.40 -3.81 -45.97
N SER A 100 12.58 -3.29 -45.65
CA SER A 100 13.72 -3.44 -46.54
C SER A 100 14.20 -4.89 -46.62
N ARG A 101 14.08 -5.64 -45.54
CA ARG A 101 14.58 -7.01 -45.53
C ARG A 101 13.87 -7.85 -46.58
N LYS A 102 14.63 -8.77 -47.18
CA LYS A 102 14.07 -9.63 -48.21
C LYS A 102 12.87 -10.40 -47.67
N ALA A 103 11.80 -10.45 -48.46
CA ALA A 103 10.60 -11.16 -48.06
C ALA A 103 10.83 -12.66 -48.14
N PRO A 104 10.05 -13.45 -47.40
CA PRO A 104 10.19 -14.90 -47.48
C PRO A 104 9.97 -15.41 -48.89
N GLU A 105 10.71 -16.47 -49.24
CA GLU A 105 10.63 -17.08 -50.56
C GLU A 105 10.16 -18.52 -50.44
N ALA A 106 9.68 -19.06 -51.56
CA ALA A 106 9.19 -20.43 -51.58
C ALA A 106 10.29 -21.40 -51.20
N GLY A 107 9.92 -22.46 -50.49
CA GLY A 107 10.87 -23.43 -50.00
C GLY A 107 11.44 -23.12 -48.63
N MET A 108 11.12 -21.96 -48.07
CA MET A 108 11.62 -21.62 -46.74
C MET A 108 11.03 -22.54 -45.68
N ARG A 109 11.84 -22.88 -44.69
CA ARG A 109 11.42 -23.75 -43.60
C ARG A 109 10.85 -22.91 -42.47
N VAL A 110 9.59 -23.18 -42.11
CA VAL A 110 8.94 -22.49 -41.01
C VAL A 110 8.61 -23.51 -39.93
N GLY A 111 9.51 -23.65 -38.96
CA GLY A 111 9.31 -24.62 -37.89
C GLY A 111 10.11 -25.89 -38.09
N ARG A 112 9.42 -27.03 -38.19
CA ARG A 112 10.08 -28.32 -38.30
C ARG A 112 9.57 -29.12 -39.49
N SER A 113 8.30 -28.97 -39.85
CA SER A 113 7.70 -29.77 -40.91
C SER A 113 6.79 -28.94 -41.80
N LEU A 114 7.10 -27.66 -41.99
CA LEU A 114 6.34 -26.79 -42.88
C LEU A 114 7.28 -26.15 -43.89
N ILE A 115 6.85 -26.11 -45.15
CA ILE A 115 7.62 -25.51 -46.23
C ILE A 115 6.69 -24.61 -47.04
N LEU A 116 7.11 -23.38 -47.28
CA LEU A 116 6.32 -22.44 -48.06
C LEU A 116 6.25 -22.90 -49.52
N THR A 117 5.14 -22.58 -50.17
CA THR A 117 4.94 -22.86 -51.57
C THR A 117 4.98 -21.56 -52.38
N SER A 118 5.05 -21.73 -53.71
CA SER A 118 5.10 -20.57 -54.60
C SER A 118 3.81 -19.77 -54.57
N ARG A 119 2.70 -20.39 -54.18
CA ARG A 119 1.41 -19.70 -54.15
C ARG A 119 1.25 -18.78 -52.96
N TRP A 120 2.14 -18.86 -51.96
CA TRP A 120 2.00 -18.02 -50.78
C TRP A 120 2.05 -16.54 -51.14
N THR A 121 2.85 -16.17 -52.14
CA THR A 121 2.90 -14.78 -52.55
C THR A 121 1.55 -14.31 -53.07
N GLU A 122 0.92 -15.12 -53.93
CA GLU A 122 -0.39 -14.77 -54.43
C GLU A 122 -1.42 -14.70 -53.31
N TYR A 123 -1.38 -15.66 -52.38
CA TYR A 123 -2.32 -15.66 -51.28
C TYR A 123 -2.19 -14.38 -50.45
N CYS A 124 -0.94 -14.01 -50.14
CA CYS A 124 -0.72 -12.79 -49.37
C CYS A 124 -1.18 -11.56 -50.14
N ALA A 125 -0.87 -11.49 -51.44
CA ALA A 125 -1.25 -10.32 -52.21
C ALA A 125 -2.76 -10.17 -52.31
N THR A 126 -3.48 -11.28 -52.50
CA THR A 126 -4.90 -11.23 -52.80
C THR A 126 -5.78 -11.32 -51.55
N CYS A 127 -5.38 -12.07 -50.54
CA CYS A 127 -6.21 -12.28 -49.36
C CYS A 127 -5.91 -11.31 -48.23
N VAL A 128 -4.65 -10.93 -48.04
CA VAL A 128 -4.28 -10.02 -46.95
C VAL A 128 -4.78 -8.62 -47.28
N PRO A 129 -5.61 -8.00 -46.44
CA PRO A 129 -5.99 -6.61 -46.70
C PRO A 129 -4.80 -5.67 -46.58
N ALA A 130 -4.88 -4.56 -47.30
CA ALA A 130 -3.81 -3.57 -47.28
C ALA A 130 -3.65 -2.98 -45.89
N LEU A 131 -2.42 -2.64 -45.55
CA LEU A 131 -2.11 -2.14 -44.22
C LEU A 131 -2.97 -0.92 -43.90
N GLY A 132 -3.53 -0.90 -42.70
CA GLY A 132 -4.37 0.19 -42.26
C GLY A 132 -5.79 0.12 -42.74
N SER A 133 -6.15 -0.89 -43.53
CA SER A 133 -7.52 -1.00 -44.01
C SER A 133 -8.47 -1.18 -42.84
N LYS A 134 -9.58 -0.45 -42.87
CA LYS A 134 -10.59 -0.51 -41.82
C LYS A 134 -11.92 -0.91 -42.44
N MET A 135 -12.69 -1.71 -41.69
CA MET A 135 -13.97 -2.19 -42.21
C MET A 135 -14.92 -1.06 -42.57
N LYS A 136 -14.75 0.12 -41.96
CA LYS A 136 -15.57 1.26 -42.34
C LYS A 136 -15.42 1.57 -43.81
N VAL A 137 -14.19 1.67 -44.29
CA VAL A 137 -13.95 2.03 -45.69
C VAL A 137 -14.43 0.91 -46.61
N ILE A 138 -14.22 -0.34 -46.21
CA ILE A 138 -14.65 -1.47 -47.03
C ILE A 138 -16.17 -1.45 -47.19
N LYS A 139 -16.89 -1.23 -46.09
CA LYS A 139 -18.35 -1.17 -46.17
C LYS A 139 -18.80 0.04 -46.98
N ALA A 140 -18.12 1.18 -46.81
CA ALA A 140 -18.49 2.37 -47.56
C ALA A 140 -18.33 2.16 -49.06
N SER A 141 -17.25 1.48 -49.45
CA SER A 141 -17.05 1.20 -50.87
C SER A 141 -18.17 0.33 -51.43
N GLY A 142 -18.65 -0.63 -50.63
CA GLY A 142 -19.73 -1.50 -51.04
C GLY A 142 -19.31 -2.72 -51.83
N ASP A 143 -18.01 -2.89 -52.09
CA ASP A 143 -17.55 -4.07 -52.82
C ASP A 143 -17.80 -5.33 -52.00
N ALA A 144 -18.62 -6.23 -52.53
CA ALA A 144 -18.93 -7.46 -51.81
C ALA A 144 -17.68 -8.32 -51.64
N ALA A 145 -16.84 -8.38 -52.68
CA ALA A 145 -15.63 -9.20 -52.59
C ALA A 145 -14.70 -8.68 -51.49
N MET A 146 -14.53 -7.36 -51.40
CA MET A 146 -13.67 -6.80 -50.36
C MET A 146 -14.24 -7.06 -48.98
N ILE A 147 -15.56 -6.94 -48.82
CA ILE A 147 -16.18 -7.22 -47.53
C ILE A 147 -15.96 -8.67 -47.15
N GLN A 148 -16.14 -9.58 -48.11
CA GLN A 148 -15.90 -10.99 -47.83
C GLN A 148 -14.46 -11.24 -47.43
N MET A 149 -13.51 -10.61 -48.13
CA MET A 149 -12.10 -10.81 -47.80
C MET A 149 -11.80 -10.27 -46.40
N MET A 150 -12.36 -9.12 -46.04
CA MET A 150 -12.13 -8.57 -44.71
C MET A 150 -12.72 -9.48 -43.64
N LYS A 151 -13.93 -10.00 -43.86
CA LYS A 151 -14.52 -10.91 -42.90
C LYS A 151 -13.71 -12.18 -42.76
N ASP A 152 -13.21 -12.71 -43.88
CA ASP A 152 -12.37 -13.90 -43.83
C ASP A 152 -11.09 -13.63 -43.06
N HIS A 153 -10.47 -12.46 -43.28
CA HIS A 153 -9.26 -12.12 -42.54
C HIS A 153 -9.53 -12.03 -41.05
N ASN A 154 -10.65 -11.41 -40.67
CA ASN A 154 -10.97 -11.30 -39.25
C ASN A 154 -11.20 -12.67 -38.63
N SER A 155 -11.93 -13.53 -39.31
CA SER A 155 -12.17 -14.88 -38.78
C SER A 155 -10.87 -15.66 -38.70
N LEU A 156 -9.99 -15.50 -39.69
CA LEU A 156 -8.70 -16.17 -39.66
C LEU A 156 -7.86 -15.71 -38.48
N LEU A 157 -7.87 -14.40 -38.20
CA LEU A 157 -7.16 -13.90 -37.03
C LEU A 157 -7.72 -14.49 -35.75
N ARG A 158 -9.05 -14.57 -35.64
CA ARG A 158 -9.62 -15.15 -34.44
C ARG A 158 -9.19 -16.60 -34.27
N VAL A 159 -9.20 -17.37 -35.36
CA VAL A 159 -8.81 -18.78 -35.28
C VAL A 159 -7.34 -18.92 -34.90
N CYS A 160 -6.48 -18.13 -35.54
CA CYS A 160 -5.05 -18.24 -35.23
C CYS A 160 -4.75 -17.76 -33.81
N VAL A 161 -5.52 -16.80 -33.30
CA VAL A 161 -5.31 -16.38 -31.91
C VAL A 161 -5.74 -17.46 -30.95
N ARG A 162 -6.85 -18.14 -31.24
CA ARG A 162 -7.25 -19.26 -30.41
C ARG A 162 -6.18 -20.34 -30.41
N ILE A 163 -5.62 -20.65 -31.59
CA ILE A 163 -4.58 -21.66 -31.66
C ILE A 163 -3.34 -21.21 -30.89
N GLU A 164 -2.96 -19.94 -31.00
CA GLU A 164 -1.79 -19.44 -30.29
C GLU A 164 -2.00 -19.50 -28.79
N VAL A 165 -3.19 -19.16 -28.31
CA VAL A 165 -3.48 -19.26 -26.89
C VAL A 165 -3.33 -20.70 -26.43
N TRP A 166 -3.88 -21.64 -27.21
CA TRP A 166 -3.75 -23.04 -26.82
C TRP A 166 -2.28 -23.45 -26.79
N LYS A 167 -1.49 -22.97 -27.75
CA LYS A 167 -0.08 -23.32 -27.75
C LYS A 167 0.64 -22.75 -26.54
N ALA A 168 0.28 -21.53 -26.12
CA ALA A 168 0.88 -20.95 -24.92
C ALA A 168 0.54 -21.79 -23.70
N ARG A 169 -0.72 -22.21 -23.59
CA ARG A 169 -1.09 -23.08 -22.47
C ARG A 169 -0.30 -24.38 -22.51
N TYR A 170 -0.15 -24.96 -23.70
CA TYR A 170 0.58 -26.22 -23.82
C TYR A 170 2.03 -26.05 -23.40
N VAL A 171 2.68 -24.97 -23.86
CA VAL A 171 4.09 -24.76 -23.51
C VAL A 171 4.24 -24.52 -22.01
N SER A 172 3.35 -23.73 -21.42
CA SER A 172 3.48 -23.41 -20.00
C SER A 172 3.27 -24.63 -19.11
N LEU A 173 2.93 -25.79 -19.67
CA LEU A 173 2.78 -26.98 -18.85
C LEU A 173 4.11 -27.60 -18.46
N VAL A 174 5.22 -27.18 -19.07
CA VAL A 174 6.52 -27.78 -18.78
C VAL A 174 7.60 -26.72 -18.65
N ALA A 175 7.28 -25.46 -18.96
CA ALA A 175 8.26 -24.38 -18.84
C ALA A 175 7.50 -23.08 -18.65
N LEU A 176 7.54 -22.53 -17.44
CA LEU A 176 6.77 -21.34 -17.12
C LEU A 176 7.45 -20.08 -17.63
N ASP A 177 6.63 -19.10 -17.98
CA ASP A 177 7.15 -17.80 -18.37
C ASP A 177 7.84 -17.14 -17.18
N GLU A 178 9.03 -16.59 -17.42
CA GLU A 178 9.77 -15.93 -16.36
C GLU A 178 9.02 -14.71 -15.82
N ARG A 179 8.13 -14.12 -16.61
CA ARG A 179 7.35 -12.98 -16.14
C ARG A 179 6.38 -13.36 -15.04
N ILE A 180 6.17 -14.65 -14.80
CA ILE A 180 5.25 -15.13 -13.77
C ILE A 180 6.07 -15.43 -12.52
N GLN A 181 5.97 -14.56 -11.53
CA GLN A 181 6.65 -14.72 -10.26
C GLN A 181 5.72 -14.65 -9.06
N THR A 182 4.66 -13.85 -9.13
CA THR A 182 3.72 -13.67 -8.04
C THR A 182 2.31 -13.78 -8.58
N LEU A 183 1.34 -14.02 -7.69
CA LEU A 183 -0.03 -14.23 -8.14
C LEU A 183 -0.51 -13.07 -9.01
N GLU A 184 -0.04 -11.85 -8.76
CA GLU A 184 -0.44 -10.73 -9.59
C GLU A 184 -0.02 -10.94 -11.03
N ASP A 185 1.21 -11.43 -11.26
CA ASP A 185 1.66 -11.67 -12.62
C ASP A 185 1.01 -12.91 -13.21
N ALA A 186 0.79 -13.95 -12.38
CA ALA A 186 0.16 -15.16 -12.86
C ALA A 186 -1.31 -14.98 -13.17
N GLN A 187 -1.91 -13.85 -12.75
CA GLN A 187 -3.32 -13.62 -13.03
C GLN A 187 -3.58 -13.24 -14.49
N TRP A 188 -2.55 -12.98 -15.29
CA TRP A 188 -2.73 -12.44 -16.63
C TRP A 188 -2.24 -13.36 -17.73
N PHE A 189 -1.95 -14.62 -17.42
CA PHE A 189 -1.53 -15.55 -18.47
C PHE A 189 -2.71 -15.84 -19.38
N PRO A 190 -2.48 -16.06 -20.69
CA PRO A 190 -1.25 -16.03 -21.47
C PRO A 190 -0.76 -14.63 -21.82
N TYR A 191 0.53 -14.49 -22.04
CA TYR A 191 1.14 -13.20 -22.39
C TYR A 191 1.39 -13.19 -23.89
N LEU A 192 0.43 -12.65 -24.62
CA LEU A 192 0.49 -12.53 -26.07
C LEU A 192 0.40 -11.06 -26.48
N SER A 193 0.91 -10.76 -27.67
CA SER A 193 1.02 -9.40 -28.15
C SER A 193 -0.35 -8.74 -28.24
N GLY A 194 -0.35 -7.49 -28.67
CA GLY A 194 -1.59 -6.73 -28.72
C GLY A 194 -2.59 -7.27 -29.73
N ASP A 195 -2.11 -7.63 -30.92
CA ASP A 195 -3.02 -8.07 -31.97
C ASP A 195 -3.86 -9.24 -31.51
N SER A 196 -3.25 -10.20 -30.81
CA SER A 196 -4.00 -11.34 -30.31
C SER A 196 -5.16 -10.89 -29.44
N TYR A 197 -4.88 -10.02 -28.47
CA TYR A 197 -5.95 -9.54 -27.60
C TYR A 197 -7.02 -8.82 -28.39
N ARG A 198 -6.60 -8.01 -29.37
CA ARG A 198 -7.56 -7.28 -30.19
C ARG A 198 -8.47 -8.23 -30.95
N ALA A 199 -7.99 -9.44 -31.25
CA ALA A 199 -8.81 -10.40 -31.98
C ALA A 199 -9.88 -11.04 -31.09
N CYS A 200 -9.45 -11.66 -29.97
CA CYS A 200 -10.35 -12.36 -29.05
C CYS A 200 -10.13 -11.83 -27.64
N PRO A 201 -10.79 -10.73 -27.29
CA PRO A 201 -10.53 -10.13 -25.97
C PRO A 201 -10.84 -11.06 -24.80
N GLY A 202 -11.74 -12.02 -24.99
CA GLY A 202 -12.17 -12.85 -23.88
C GLY A 202 -11.19 -13.91 -23.44
N LEU A 203 -10.10 -14.12 -24.19
CA LEU A 203 -9.16 -15.21 -23.91
C LEU A 203 -7.75 -14.74 -23.64
N VAL A 204 -7.23 -13.81 -24.40
CA VAL A 204 -5.82 -13.44 -24.33
C VAL A 204 -5.63 -12.43 -23.21
N GLY A 205 -4.71 -12.73 -22.30
CA GLY A 205 -4.34 -11.78 -21.26
C GLY A 205 -3.13 -10.98 -21.71
N GLY A 206 -2.27 -10.62 -20.76
CA GLY A 206 -1.03 -9.95 -21.10
C GLY A 206 -1.03 -8.47 -20.76
N TYR A 207 -0.07 -7.76 -21.35
CA TYR A 207 0.05 -6.33 -21.08
C TYR A 207 -1.22 -5.60 -21.51
N PHE A 208 -1.77 -5.96 -22.66
CA PHE A 208 -2.97 -5.29 -23.15
C PHE A 208 -4.18 -5.62 -22.27
N ALA A 209 -4.29 -6.87 -21.81
CA ALA A 209 -5.38 -7.21 -20.90
C ALA A 209 -5.26 -6.44 -19.59
N LYS A 210 -4.04 -6.30 -19.06
CA LYS A 210 -3.84 -5.52 -17.85
C LYS A 210 -4.22 -4.07 -18.08
N LYS A 211 -3.80 -3.50 -19.22
CA LYS A 211 -4.14 -2.11 -19.52
C LYS A 211 -5.65 -1.92 -19.61
N ALA A 212 -6.34 -2.83 -20.28
CA ALA A 212 -7.79 -2.74 -20.35
C ALA A 212 -8.41 -2.90 -18.96
N ALA A 213 -7.81 -3.73 -18.11
CA ALA A 213 -8.28 -3.86 -16.74
C ALA A 213 -8.11 -2.56 -15.97
N ALA A 214 -6.97 -1.89 -16.16
CA ALA A 214 -6.69 -0.63 -15.48
C ALA A 214 -7.24 0.58 -16.23
N GLY A 215 -8.23 0.37 -17.09
CA GLY A 215 -8.83 1.46 -17.83
C GLY A 215 -10.35 1.47 -17.70
N GLU A 216 -11.03 2.13 -18.63
CA GLU A 216 -12.48 2.22 -18.57
C GLU A 216 -13.11 0.88 -18.93
N ARG A 217 -14.34 0.69 -18.48
CA ARG A 217 -15.08 -0.55 -18.70
C ARG A 217 -16.48 -0.24 -19.19
N GLY A 218 -17.00 -1.12 -20.04
CA GLY A 218 -18.31 -0.92 -20.62
C GLY A 218 -18.84 -2.22 -21.19
N LYS A 219 -19.87 -2.09 -22.03
CA LYS A 219 -20.47 -3.26 -22.64
C LYS A 219 -19.47 -4.00 -23.52
N ASN A 220 -18.68 -3.26 -24.29
CA ASN A 220 -17.67 -3.88 -25.15
C ASN A 220 -16.52 -4.49 -24.36
N TYR A 221 -16.40 -4.18 -23.08
CA TYR A 221 -15.35 -4.77 -22.25
C TYR A 221 -15.65 -6.24 -21.99
N LYS A 222 -14.64 -7.09 -22.16
CA LYS A 222 -14.76 -8.53 -21.95
C LYS A 222 -13.82 -8.94 -20.82
N LYS A 223 -14.17 -10.02 -20.14
CA LYS A 223 -13.39 -10.50 -19.00
C LYS A 223 -12.44 -11.62 -19.43
N LEU A 224 -11.21 -11.55 -18.94
CA LEU A 224 -10.22 -12.57 -19.25
C LEU A 224 -10.56 -13.87 -18.55
N ASN A 225 -10.89 -14.89 -19.33
CA ASN A 225 -11.28 -16.20 -18.81
C ASN A 225 -10.11 -17.15 -19.02
N GLN A 226 -9.19 -17.17 -18.05
CA GLN A 226 -7.95 -17.91 -18.22
C GLN A 226 -8.18 -19.39 -18.47
N THR A 227 -9.33 -19.93 -18.09
CA THR A 227 -9.61 -21.35 -18.22
C THR A 227 -10.77 -21.63 -19.16
N ALA A 228 -11.04 -20.72 -20.10
CA ALA A 228 -12.06 -21.00 -21.10
C ALA A 228 -11.62 -22.15 -21.99
N ILE A 229 -12.52 -23.10 -22.21
CA ILE A 229 -12.20 -24.32 -22.93
C ILE A 229 -11.87 -23.96 -24.38
N ILE A 230 -10.72 -24.42 -24.85
CA ILE A 230 -10.28 -24.26 -26.23
C ILE A 230 -9.99 -25.64 -26.79
N PRO A 231 -10.72 -26.12 -27.81
CA PRO A 231 -10.41 -27.41 -28.38
C PRO A 231 -9.00 -27.44 -28.94
N PRO A 232 -8.31 -28.58 -28.86
CA PRO A 232 -6.95 -28.64 -29.39
C PRO A 232 -6.94 -28.32 -30.88
N PRO A 233 -5.82 -27.80 -31.39
CA PRO A 233 -5.78 -27.40 -32.80
C PRO A 233 -6.29 -28.46 -33.77
N ARG A 234 -5.79 -29.69 -33.65
CA ARG A 234 -6.23 -30.74 -34.57
C ARG A 234 -7.72 -30.98 -34.44
N PHE A 235 -8.31 -30.67 -33.29
CA PHE A 235 -9.76 -30.75 -33.15
C PHE A 235 -10.43 -29.42 -33.51
N LEU A 236 -9.72 -28.30 -33.35
CA LEU A 236 -10.33 -27.00 -33.60
C LEU A 236 -10.54 -26.78 -35.09
N ILE A 237 -9.54 -27.07 -35.92
CA ILE A 237 -9.65 -26.73 -37.33
C ILE A 237 -10.68 -27.60 -38.04
N ILE A 238 -11.07 -28.74 -37.48
CA ILE A 238 -12.07 -29.60 -38.10
C ILE A 238 -13.44 -29.48 -37.44
N GLY A 239 -13.61 -28.53 -36.52
CA GLY A 239 -14.90 -28.29 -35.91
C GLY A 239 -15.30 -29.26 -34.83
N HIS A 240 -14.46 -30.24 -34.51
CA HIS A 240 -14.81 -31.24 -33.51
C HIS A 240 -14.68 -30.63 -32.12
N ARG A 241 -15.81 -30.54 -31.41
CA ARG A 241 -15.80 -30.03 -30.04
C ARG A 241 -15.26 -31.09 -29.09
N LEU A 242 -14.47 -30.65 -28.12
CA LEU A 242 -13.96 -31.56 -27.10
C LEU A 242 -15.11 -32.14 -26.30
N GLN A 243 -15.06 -33.45 -26.05
CA GLN A 243 -16.13 -34.13 -25.33
C GLN A 243 -15.58 -35.39 -24.69
N ILE A 244 -16.35 -35.95 -23.76
CA ILE A 244 -15.90 -37.15 -23.06
C ILE A 244 -15.80 -38.30 -24.03
N GLY A 245 -14.68 -39.03 -23.97
CA GLY A 245 -14.49 -40.23 -24.73
C GLY A 245 -13.65 -40.10 -25.99
N ASP A 246 -13.07 -38.93 -26.25
CA ASP A 246 -12.25 -38.71 -27.43
C ASP A 246 -10.78 -38.82 -27.06
N GLN A 247 -10.02 -39.50 -27.90
CA GLN A 247 -8.61 -39.75 -27.62
C GLN A 247 -7.82 -38.44 -27.64
N VAL A 248 -7.08 -38.20 -26.56
CA VAL A 248 -6.24 -37.02 -26.41
C VAL A 248 -5.06 -37.39 -25.52
N THR A 249 -4.07 -36.51 -25.45
CA THR A 249 -2.95 -36.67 -24.55
C THR A 249 -3.19 -35.87 -23.27
N LEU A 250 -2.50 -36.27 -22.20
CA LEU A 250 -2.67 -35.60 -20.92
C LEU A 250 -2.35 -34.11 -21.04
N ARG A 251 -1.20 -33.80 -21.65
CA ARG A 251 -0.85 -32.40 -21.86
C ARG A 251 -1.88 -31.70 -22.74
N GLU A 252 -2.39 -32.38 -23.76
CA GLU A 252 -3.37 -31.76 -24.64
C GLU A 252 -4.60 -31.31 -23.85
N LEU A 253 -5.20 -32.23 -23.09
CA LEU A 253 -6.38 -31.87 -22.32
C LEU A 253 -6.06 -30.80 -21.30
N LEU A 254 -4.92 -30.94 -20.61
CA LEU A 254 -4.59 -29.99 -19.56
C LEU A 254 -4.44 -28.58 -20.10
N ALA A 255 -3.81 -28.44 -21.28
CA ALA A 255 -3.72 -27.13 -21.90
C ALA A 255 -5.05 -26.70 -22.50
N SER A 256 -5.93 -27.65 -22.82
CA SER A 256 -7.20 -27.29 -23.43
C SER A 256 -8.24 -26.89 -22.39
N ILE A 257 -7.99 -27.14 -21.11
CA ILE A 257 -8.93 -26.75 -20.05
C ILE A 257 -8.29 -25.92 -18.95
N ALA A 258 -6.98 -25.82 -18.90
CA ALA A 258 -6.29 -25.02 -17.88
C ALA A 258 -4.86 -24.83 -18.36
N TRP A 259 -4.01 -24.28 -17.49
CA TRP A 259 -2.63 -23.99 -17.86
C TRP A 259 -1.71 -24.44 -16.74
N GLY A 260 -0.43 -24.07 -16.86
CA GLY A 260 0.59 -24.68 -16.03
C GLY A 260 0.33 -24.56 -14.53
N LEU A 261 -0.15 -23.40 -14.09
CA LEU A 261 -0.21 -23.09 -12.68
C LEU A 261 -1.55 -23.37 -12.03
N CYS A 262 -2.49 -23.98 -12.75
CA CYS A 262 -3.77 -24.31 -12.13
C CYS A 262 -3.62 -25.50 -11.18
N ASP A 263 -4.62 -25.66 -10.32
CA ASP A 263 -4.60 -26.76 -9.37
C ASP A 263 -4.50 -28.11 -10.08
N GLY A 264 -3.65 -28.98 -9.55
CA GLY A 264 -3.38 -30.26 -10.19
C GLY A 264 -4.57 -31.20 -10.25
N VAL A 265 -5.64 -30.91 -9.51
CA VAL A 265 -6.79 -31.81 -9.49
C VAL A 265 -7.34 -32.01 -10.89
N LEU A 266 -7.15 -31.03 -11.77
CA LEU A 266 -7.68 -31.13 -13.12
C LEU A 266 -7.12 -32.35 -13.84
N ALA A 267 -5.98 -32.86 -13.40
CA ALA A 267 -5.42 -34.05 -14.03
C ALA A 267 -6.39 -35.22 -14.00
N GLU A 268 -7.33 -35.23 -13.07
CA GLU A 268 -8.30 -36.30 -12.98
C GLU A 268 -9.20 -36.39 -14.22
N CYS A 269 -9.25 -35.35 -15.04
CA CYS A 269 -10.08 -35.38 -16.23
C CYS A 269 -9.51 -36.29 -17.31
N TRP A 270 -8.28 -36.78 -17.14
CA TRP A 270 -7.61 -37.62 -18.13
C TRP A 270 -7.34 -39.00 -17.54
N SER A 271 -7.62 -40.04 -18.33
CA SER A 271 -7.42 -41.41 -17.89
C SER A 271 -6.67 -42.16 -18.98
N PRO A 272 -5.56 -42.82 -18.67
CA PRO A 272 -4.81 -43.52 -19.72
C PRO A 272 -5.59 -44.69 -20.28
N SER A 273 -5.29 -45.04 -21.53
CA SER A 273 -5.94 -46.15 -22.20
C SER A 273 -5.17 -47.44 -21.86
N GLN A 274 -5.49 -48.53 -22.58
CA GLN A 274 -4.84 -49.81 -22.35
C GLN A 274 -3.37 -49.69 -22.78
N GLY A 275 -2.46 -49.87 -21.83
CA GLY A 275 -1.04 -49.72 -22.09
C GLY A 275 -0.56 -48.30 -22.14
N ASP A 276 -1.43 -47.32 -21.88
CA ASP A 276 -1.05 -45.92 -21.89
C ASP A 276 -0.51 -45.52 -23.25
N GLY A 277 0.82 -45.54 -23.42
CA GLY A 277 1.41 -45.13 -24.68
C GLY A 277 1.37 -43.64 -24.92
N SER A 278 1.26 -42.83 -23.88
CA SER A 278 1.19 -41.38 -23.95
C SER A 278 -0.13 -40.88 -24.53
N ILE A 279 -1.09 -41.78 -24.75
CA ILE A 279 -2.41 -41.42 -25.27
C ILE A 279 -3.45 -42.00 -24.33
N GLY A 280 -4.43 -41.19 -23.96
CA GLY A 280 -5.49 -41.61 -23.07
C GLY A 280 -6.84 -41.16 -23.59
N VAL A 281 -7.73 -40.85 -22.66
CA VAL A 281 -9.09 -40.43 -23.00
C VAL A 281 -9.58 -39.46 -21.93
N VAL A 282 -10.49 -38.59 -22.33
CA VAL A 282 -11.11 -37.64 -21.41
C VAL A 282 -12.25 -38.36 -20.68
N VAL A 283 -12.34 -38.12 -19.37
CA VAL A 283 -13.41 -38.68 -18.57
C VAL A 283 -14.34 -37.60 -18.03
N GLY A 284 -13.98 -36.32 -18.14
CA GLY A 284 -14.85 -35.25 -17.66
C GLY A 284 -14.31 -33.91 -18.10
N LEU A 285 -15.14 -32.90 -17.90
CA LEU A 285 -14.80 -31.52 -18.24
C LEU A 285 -15.24 -30.63 -17.08
N PRO A 286 -14.33 -29.86 -16.47
CA PRO A 286 -14.71 -29.09 -15.29
C PRO A 286 -15.76 -28.03 -15.62
N LEU A 287 -16.59 -27.73 -14.63
CA LEU A 287 -17.60 -26.69 -14.76
C LEU A 287 -17.02 -25.36 -14.28
N GLN A 288 -17.68 -24.28 -14.66
CA GLN A 288 -17.23 -22.94 -14.33
C GLN A 288 -17.78 -22.49 -12.98
N ALA A 289 -17.18 -21.44 -12.44
CA ALA A 289 -17.57 -20.92 -11.14
C ALA A 289 -18.56 -19.76 -11.31
N THR A 290 -19.62 -19.78 -10.50
CA THR A 290 -20.60 -18.71 -10.54
C THR A 290 -19.97 -17.41 -10.09
N GLY A 291 -20.25 -16.33 -10.81
CA GLY A 291 -19.67 -15.03 -10.51
C GLY A 291 -20.34 -14.28 -9.38
N SER A 292 -21.43 -14.82 -8.83
CA SER A 292 -22.14 -14.17 -7.73
C SER A 292 -21.20 -13.95 -6.55
N CYS A 293 -21.23 -12.75 -6.00
CA CYS A 293 -20.40 -12.37 -4.86
C CYS A 293 -21.24 -12.44 -3.59
N PHE A 294 -20.78 -13.22 -2.62
CA PHE A 294 -21.51 -13.44 -1.38
C PHE A 294 -20.88 -12.73 -0.20
N LEU A 295 -20.18 -11.62 -0.45
CA LEU A 295 -19.53 -10.89 0.63
C LEU A 295 -20.56 -10.13 1.47
N VAL A 296 -20.21 -9.91 2.73
CA VAL A 296 -20.97 -9.05 3.62
C VAL A 296 -19.99 -8.18 4.39
N VAL A 297 -19.87 -6.92 3.98
CA VAL A 297 -18.87 -6.04 4.59
C VAL A 297 -19.32 -5.63 5.99
N ALA A 298 -18.33 -5.51 6.87
CA ALA A 298 -18.59 -5.07 8.23
C ALA A 298 -19.17 -3.66 8.22
N SER A 299 -20.16 -3.43 9.08
CA SER A 299 -20.80 -2.13 9.16
C SER A 299 -21.67 -2.09 10.41
N HIS A 300 -21.77 -0.90 11.00
CA HIS A 300 -22.58 -0.69 12.20
C HIS A 300 -22.16 -1.65 13.32
N GLY A 301 -20.86 -1.95 13.37
CA GLY A 301 -20.31 -2.79 14.42
C GLY A 301 -20.33 -4.28 14.11
N LEU A 302 -21.08 -4.71 13.11
CA LEU A 302 -21.11 -6.13 12.76
C LEU A 302 -19.75 -6.55 12.22
N SER A 303 -19.55 -7.86 12.13
CA SER A 303 -18.28 -8.40 11.65
C SER A 303 -18.40 -8.84 10.20
N ALA A 304 -17.35 -8.57 9.42
CA ALA A 304 -17.34 -8.90 8.01
C ALA A 304 -17.33 -10.42 7.82
N ILE A 305 -18.01 -10.86 6.76
CA ILE A 305 -18.12 -12.27 6.42
C ILE A 305 -17.54 -12.46 5.02
N ALA A 306 -16.60 -13.39 4.90
CA ALA A 306 -15.98 -13.64 3.59
C ALA A 306 -16.94 -14.36 2.65
N ASP A 307 -17.81 -15.21 3.19
CA ASP A 307 -18.76 -15.97 2.38
C ASP A 307 -19.99 -16.25 3.23
N SER A 308 -21.13 -15.71 2.81
CA SER A 308 -22.36 -15.91 3.58
C SER A 308 -22.78 -17.37 3.60
N ARG A 309 -22.43 -18.13 2.55
CA ARG A 309 -22.83 -19.54 2.51
C ARG A 309 -22.01 -20.37 3.50
N ILE A 310 -20.70 -20.15 3.56
CA ILE A 310 -19.84 -20.90 4.46
C ILE A 310 -20.14 -20.49 5.90
N ASN A 317 -9.64 -26.34 5.62
CA ASN A 317 -10.72 -26.21 4.67
C ASN A 317 -10.20 -25.78 3.30
N LEU A 318 -9.06 -25.08 3.29
CA LEU A 318 -8.50 -24.59 2.03
C LEU A 318 -8.13 -25.75 1.11
N LEU A 319 -7.50 -26.79 1.66
CA LEU A 319 -7.13 -27.97 0.88
C LEU A 319 -8.28 -28.93 0.69
N GLU A 320 -9.42 -28.70 1.34
CA GLU A 320 -10.60 -29.55 1.22
C GLU A 320 -11.51 -29.11 0.08
N GLU A 321 -11.23 -27.99 -0.57
CA GLU A 321 -12.12 -27.47 -1.60
C GLU A 321 -12.22 -28.45 -2.76
N CYS A 322 -13.40 -28.51 -3.38
CA CYS A 322 -13.69 -29.46 -4.43
C CYS A 322 -14.08 -28.73 -5.72
N ILE A 323 -13.72 -29.35 -6.83
CA ILE A 323 -14.09 -28.86 -8.16
C ILE A 323 -15.19 -29.75 -8.72
N ALA A 324 -16.05 -29.15 -9.53
CA ALA A 324 -17.18 -29.85 -10.13
C ALA A 324 -16.76 -30.39 -11.50
N ILE A 325 -16.88 -31.70 -11.68
CA ILE A 325 -16.52 -32.37 -12.92
C ILE A 325 -17.77 -32.99 -13.51
N GLN A 326 -18.03 -32.70 -14.78
CA GLN A 326 -19.17 -33.27 -15.50
C GLN A 326 -18.71 -34.58 -16.14
N LYS A 327 -19.19 -35.70 -15.62
CA LYS A 327 -18.83 -37.01 -16.12
C LYS A 327 -19.97 -37.57 -16.98
N GLN A 328 -19.74 -38.76 -17.52
CA GLN A 328 -20.76 -39.40 -18.34
C GLN A 328 -22.07 -39.59 -17.58
N ASP A 329 -21.97 -39.75 -16.25
CA ASP A 329 -23.16 -39.96 -15.42
C ASP A 329 -23.75 -38.64 -14.95
N GLY A 330 -22.95 -37.83 -14.28
CA GLY A 330 -23.43 -36.56 -13.77
C GLY A 330 -22.31 -35.77 -13.12
N VAL A 331 -22.69 -34.67 -12.49
CA VAL A 331 -21.73 -33.80 -11.83
C VAL A 331 -21.22 -34.46 -10.56
N ILE A 332 -19.90 -34.47 -10.38
CA ILE A 332 -19.28 -34.99 -9.17
C ILE A 332 -18.34 -33.94 -8.62
N LYS A 333 -18.01 -34.08 -7.34
CA LYS A 333 -17.09 -33.19 -6.65
C LYS A 333 -15.78 -33.93 -6.41
N CYS A 334 -14.67 -33.34 -6.86
CA CYS A 334 -13.35 -33.92 -6.67
C CYS A 334 -12.50 -32.98 -5.83
N LYS A 335 -11.92 -33.51 -4.76
CA LYS A 335 -11.11 -32.69 -3.86
C LYS A 335 -9.87 -32.17 -4.59
N ARG A 336 -9.49 -30.93 -4.27
CA ARG A 336 -8.33 -30.33 -4.88
C ARG A 336 -7.05 -31.03 -4.41
N SER A 337 -6.04 -31.03 -5.28
CA SER A 337 -4.75 -31.61 -4.93
C SER A 337 -3.84 -30.63 -4.21
N GLY A 338 -4.01 -29.33 -4.44
CA GLY A 338 -3.23 -28.32 -3.76
C GLY A 338 -1.91 -27.96 -4.42
N LYS A 339 -1.55 -28.65 -5.50
CA LYS A 339 -0.29 -28.40 -6.20
C LYS A 339 -0.57 -27.96 -7.63
N SER A 340 0.29 -27.10 -8.16
CA SER A 340 0.15 -26.64 -9.52
C SER A 340 0.40 -27.77 -10.51
N LEU A 341 -0.32 -27.71 -11.63
CA LEU A 341 -0.14 -28.72 -12.68
C LEU A 341 1.32 -28.80 -13.12
N TYR A 342 2.01 -27.67 -13.20
CA TYR A 342 3.41 -27.69 -13.60
C TYR A 342 4.23 -28.52 -12.62
N HIS A 343 4.06 -28.26 -11.33
CA HIS A 343 4.80 -29.02 -10.33
C HIS A 343 4.39 -30.48 -10.31
N CYS A 344 3.09 -30.76 -10.49
CA CYS A 344 2.65 -32.14 -10.52
C CYS A 344 3.29 -32.90 -11.67
N LEU A 345 3.32 -32.30 -12.86
CA LEU A 345 3.96 -32.95 -13.99
C LEU A 345 5.45 -33.14 -13.76
N LYS A 346 6.12 -32.14 -13.19
CA LYS A 346 7.54 -32.29 -12.89
C LYS A 346 7.78 -33.44 -11.93
N GLU A 347 6.96 -33.56 -10.88
CA GLU A 347 7.18 -34.59 -9.88
C GLU A 347 6.84 -35.98 -10.42
N THR A 348 5.81 -36.09 -11.25
CA THR A 348 5.39 -37.39 -11.78
C THR A 348 6.15 -37.78 -13.04
N ALA A 349 7.06 -36.92 -13.52
CA ALA A 349 7.83 -37.26 -14.71
C ALA A 349 8.76 -38.44 -14.47
N GLY A 350 9.11 -38.72 -13.22
CA GLY A 350 10.00 -39.83 -12.91
C GLY A 350 10.39 -39.86 -11.44
N GLU B 34 41.49 4.20 -17.88
CA GLU B 34 41.96 3.23 -16.89
C GLU B 34 40.78 2.65 -16.11
N LEU B 35 39.84 3.51 -15.76
CA LEU B 35 38.65 3.14 -15.01
C LEU B 35 37.44 3.76 -15.70
N PRO B 36 36.26 3.17 -15.52
CA PRO B 36 35.05 3.74 -16.13
C PRO B 36 34.84 5.18 -15.70
N ARG B 37 33.84 5.82 -16.31
CA ARG B 37 33.54 7.21 -15.98
C ARG B 37 33.09 7.34 -14.53
N ASN B 38 32.24 6.42 -14.06
CA ASN B 38 31.64 6.57 -12.74
C ASN B 38 32.69 6.55 -11.64
N LEU B 39 33.55 5.52 -11.63
CA LEU B 39 34.54 5.42 -10.57
C LEU B 39 35.51 6.58 -10.63
N GLU B 40 35.88 7.00 -11.84
CA GLU B 40 36.79 8.14 -11.98
C GLU B 40 36.19 9.40 -11.39
N VAL B 41 34.91 9.67 -11.70
CA VAL B 41 34.30 10.88 -11.19
C VAL B 41 34.15 10.82 -9.68
N PHE B 42 33.80 9.64 -9.15
CA PHE B 42 33.68 9.53 -7.70
C PHE B 42 35.03 9.76 -7.02
N ASN B 43 36.09 9.17 -7.56
CA ASN B 43 37.41 9.38 -6.98
C ASN B 43 37.79 10.85 -7.04
N GLU B 44 37.53 11.51 -8.17
CA GLU B 44 37.85 12.92 -8.29
C GLU B 44 37.10 13.74 -7.24
N ALA B 45 35.80 13.48 -7.09
CA ALA B 45 34.99 14.27 -6.18
C ALA B 45 35.43 14.06 -4.74
N CYS B 46 35.66 12.80 -4.35
CA CYS B 46 36.09 12.53 -2.99
C CYS B 46 37.45 13.14 -2.71
N GLY B 47 38.38 13.05 -3.67
CA GLY B 47 39.69 13.65 -3.49
C GLY B 47 39.62 15.16 -3.36
N HIS B 48 38.77 15.79 -4.17
CA HIS B 48 38.64 17.25 -4.11
C HIS B 48 38.00 17.68 -2.80
N VAL B 49 37.02 16.92 -2.30
CA VAL B 49 36.25 17.37 -1.15
C VAL B 49 36.92 17.01 0.16
N PHE B 50 37.67 15.91 0.20
CA PHE B 50 38.27 15.41 1.43
C PHE B 50 39.79 15.45 1.42
N GLY B 51 40.40 16.04 0.40
CA GLY B 51 41.84 16.18 0.38
C GLY B 51 42.53 14.83 0.49
N SER B 52 43.55 14.78 1.33
CA SER B 52 44.34 13.56 1.54
C SER B 52 43.87 12.75 2.74
N SER B 53 42.78 13.16 3.40
CA SER B 53 42.25 12.43 4.54
C SER B 53 41.31 11.30 4.13
N PHE B 54 41.06 11.13 2.84
CA PHE B 54 40.14 10.10 2.36
C PHE B 54 40.90 8.79 2.23
N ASN B 55 40.68 7.88 3.18
CA ASN B 55 41.34 6.58 3.16
C ASN B 55 40.64 5.68 2.15
N ARG B 56 41.39 5.18 1.18
CA ARG B 56 40.83 4.44 0.07
C ARG B 56 40.68 2.94 0.34
N GLU B 57 41.10 2.47 1.51
CA GLU B 57 41.10 1.03 1.82
C GLU B 57 40.28 0.71 3.05
N ASP B 58 39.37 1.60 3.46
CA ASP B 58 38.50 1.36 4.60
C ASP B 58 37.06 1.46 4.16
N ASN B 59 36.21 0.55 4.65
CA ASN B 59 34.82 0.56 4.26
C ASN B 59 34.06 1.72 4.89
N SER B 60 34.26 1.94 6.20
CA SER B 60 33.51 2.99 6.88
C SER B 60 33.85 4.37 6.36
N VAL B 61 35.13 4.64 6.11
CA VAL B 61 35.52 5.96 5.61
C VAL B 61 34.93 6.21 4.23
N ILE B 62 35.00 5.21 3.35
CA ILE B 62 34.44 5.37 2.02
C ILE B 62 32.93 5.58 2.11
N SER B 63 32.28 4.85 3.01
CA SER B 63 30.83 5.02 3.16
C SER B 63 30.48 6.42 3.64
N ASP B 64 31.21 6.95 4.62
CA ASP B 64 30.95 8.31 5.09
C ASP B 64 31.19 9.32 3.98
N ALA B 65 32.27 9.16 3.22
CA ALA B 65 32.53 10.07 2.11
C ALA B 65 31.41 10.02 1.09
N ALA B 66 30.96 8.81 0.74
CA ALA B 66 29.90 8.69 -0.25
C ALA B 66 28.60 9.31 0.24
N ALA B 67 28.24 9.06 1.50
CA ALA B 67 27.02 9.64 2.03
C ALA B 67 27.10 11.17 2.06
N PHE B 68 28.26 11.72 2.45
CA PHE B 68 28.39 13.17 2.45
C PHE B 68 28.30 13.75 1.05
N LEU B 69 28.94 13.11 0.08
CA LEU B 69 28.84 13.58 -1.29
C LEU B 69 27.38 13.54 -1.76
N PHE B 70 26.66 12.48 -1.37
CA PHE B 70 25.25 12.40 -1.74
C PHE B 70 24.46 13.55 -1.15
N LYS B 71 24.67 13.85 0.13
CA LYS B 71 23.95 14.96 0.75
C LYS B 71 24.29 16.28 0.07
N MET B 72 25.57 16.47 -0.26
CA MET B 72 25.96 17.70 -0.95
C MET B 72 25.28 17.82 -2.30
N HIS B 73 25.18 16.72 -3.04
CA HIS B 73 24.66 16.79 -4.40
C HIS B 73 23.14 16.84 -4.47
N THR B 74 22.43 16.58 -3.38
CA THR B 74 20.98 16.72 -3.35
C THR B 74 20.53 18.08 -2.85
N HIS B 75 21.46 18.99 -2.55
CA HIS B 75 21.14 20.30 -2.00
C HIS B 75 20.42 20.15 -0.65
N SER B 76 21.13 19.53 0.28
CA SER B 76 20.62 19.35 1.63
C SER B 76 21.62 19.79 2.70
N LEU B 77 22.84 20.17 2.33
CA LEU B 77 23.75 20.77 3.28
C LEU B 77 23.29 22.18 3.63
N ASP B 78 23.54 22.57 4.88
CA ASP B 78 23.20 23.92 5.29
C ASP B 78 23.95 24.93 4.43
N GLY B 79 23.27 26.01 4.08
CA GLY B 79 23.84 27.01 3.20
C GLY B 79 23.66 26.72 1.73
N GLN B 80 22.68 25.90 1.36
CA GLN B 80 22.38 25.61 -0.03
C GLN B 80 20.94 26.00 -0.34
N GLU B 81 20.62 26.02 -1.64
CA GLU B 81 19.30 26.43 -2.08
C GLU B 81 18.21 25.70 -1.31
N ALA B 82 17.09 26.39 -1.10
CA ALA B 82 15.96 25.80 -0.41
C ALA B 82 15.02 25.12 -1.38
N LYS B 83 14.26 24.15 -0.87
CA LYS B 83 13.29 23.40 -1.67
C LYS B 83 11.90 23.89 -1.29
N VAL B 84 11.31 24.72 -2.16
CA VAL B 84 10.03 25.37 -1.86
C VAL B 84 9.04 25.27 -3.01
N LEU B 85 9.37 24.54 -4.08
CA LEU B 85 8.50 24.53 -5.26
C LEU B 85 7.06 24.20 -4.88
N ARG B 86 6.86 23.15 -4.10
CA ARG B 86 5.53 22.73 -3.67
C ARG B 86 5.56 22.36 -2.19
N ALA B 87 6.32 23.12 -1.40
CA ALA B 87 6.56 22.79 -0.02
C ALA B 87 5.40 23.22 0.87
N SER B 88 5.02 22.35 1.79
CA SER B 88 4.05 22.71 2.82
C SER B 88 4.69 23.67 3.82
N GLU B 89 3.83 24.40 4.55
CA GLU B 89 4.32 25.48 5.41
C GLU B 89 5.43 25.00 6.33
N LYS B 90 5.26 23.83 6.95
CA LYS B 90 6.31 23.29 7.80
C LYS B 90 7.58 23.03 6.99
N LYS B 91 7.43 22.48 5.79
CA LYS B 91 8.59 22.25 4.94
C LYS B 91 9.23 23.57 4.52
N ARG B 92 8.41 24.58 4.23
CA ARG B 92 8.95 25.90 3.91
C ARG B 92 9.79 26.43 5.06
N GLU B 93 9.27 26.31 6.29
CA GLU B 93 10.01 26.78 7.46
C GLU B 93 11.32 26.02 7.61
N ARG B 94 11.28 24.70 7.47
CA ARG B 94 12.49 23.90 7.64
C ARG B 94 13.53 24.26 6.59
N GLU B 95 13.10 24.42 5.34
CA GLU B 95 14.04 24.75 4.27
C GLU B 95 14.59 26.17 4.45
N ASN B 96 13.77 27.09 4.93
CA ASN B 96 14.26 28.44 5.21
C ASN B 96 15.31 28.41 6.31
N ALA B 97 15.08 27.63 7.37
CA ALA B 97 16.07 27.50 8.42
C ALA B 97 17.36 26.90 7.87
N LYS B 98 17.24 25.88 7.02
CA LYS B 98 18.42 25.28 6.41
C LYS B 98 19.19 26.31 5.59
N LYS B 99 18.48 27.08 4.77
CA LYS B 99 19.14 28.08 3.93
C LYS B 99 19.84 29.12 4.78
N SER B 100 19.19 29.58 5.86
CA SER B 100 19.78 30.62 6.68
C SER B 100 21.05 30.16 7.38
N ARG B 101 21.09 28.92 7.85
CA ARG B 101 22.22 28.45 8.64
C ARG B 101 23.51 28.50 7.83
N LYS B 102 24.61 28.76 8.53
CA LYS B 102 25.91 28.83 7.88
C LYS B 102 26.28 27.48 7.29
N ALA B 103 26.94 27.51 6.12
CA ALA B 103 27.36 26.28 5.48
C ALA B 103 28.56 25.69 6.23
N PRO B 104 28.79 24.39 6.06
CA PRO B 104 29.94 23.77 6.74
C PRO B 104 31.24 24.47 6.39
N GLU B 105 32.08 24.66 7.40
CA GLU B 105 33.33 25.38 7.25
C GLU B 105 34.48 24.42 6.98
N ALA B 106 35.52 24.95 6.35
CA ALA B 106 36.70 24.15 6.04
C ALA B 106 37.30 23.57 7.32
N GLY B 107 37.74 22.32 7.23
CA GLY B 107 38.31 21.63 8.36
C GLY B 107 37.31 20.97 9.28
N MET B 108 36.01 21.11 9.02
CA MET B 108 35.00 20.48 9.86
C MET B 108 35.17 18.97 9.82
N ARG B 109 34.95 18.32 10.96
CA ARG B 109 35.10 16.88 11.08
C ARG B 109 33.81 16.20 10.65
N VAL B 110 33.94 15.23 9.74
CA VAL B 110 32.82 14.43 9.26
C VAL B 110 33.13 12.97 9.50
N GLY B 111 32.13 12.20 9.90
CA GLY B 111 32.36 10.80 10.18
C GLY B 111 33.34 10.62 11.33
N ARG B 112 34.36 9.82 11.08
CA ARG B 112 35.36 9.50 12.11
C ARG B 112 36.75 9.99 11.77
N SER B 113 37.20 9.84 10.52
CA SER B 113 38.55 10.22 10.13
C SER B 113 38.54 10.95 8.80
N LEU B 114 37.55 11.84 8.61
CA LEU B 114 37.45 12.65 7.40
C LEU B 114 37.34 14.11 7.80
N ILE B 115 38.16 14.95 7.17
CA ILE B 115 38.19 16.38 7.44
C ILE B 115 38.08 17.12 6.12
N LEU B 116 37.11 18.03 6.01
CA LEU B 116 36.91 18.78 4.80
C LEU B 116 38.11 19.67 4.50
N THR B 117 38.38 19.87 3.22
CA THR B 117 39.45 20.77 2.78
C THR B 117 38.87 22.16 2.47
N SER B 118 39.78 23.13 2.37
CA SER B 118 39.36 24.50 2.13
C SER B 118 38.72 24.70 0.76
N ARG B 119 38.91 23.76 -0.15
CA ARG B 119 38.43 23.90 -1.52
C ARG B 119 37.15 23.11 -1.79
N TRP B 120 36.47 22.64 -0.74
CA TRP B 120 35.22 21.92 -0.95
C TRP B 120 34.13 22.84 -1.48
N THR B 121 34.12 24.10 -1.04
CA THR B 121 33.09 25.02 -1.50
C THR B 121 33.18 25.25 -3.00
N GLU B 122 34.40 25.35 -3.53
CA GLU B 122 34.56 25.53 -4.97
C GLU B 122 33.97 24.36 -5.73
N TYR B 123 34.26 23.14 -5.29
CA TYR B 123 33.71 21.96 -5.95
C TYR B 123 32.20 21.94 -5.85
N CYS B 124 31.66 22.26 -4.67
CA CYS B 124 30.22 22.24 -4.51
C CYS B 124 29.56 23.24 -5.44
N ALA B 125 30.15 24.43 -5.59
CA ALA B 125 29.58 25.44 -6.47
C ALA B 125 29.72 25.06 -7.93
N THR B 126 30.81 24.38 -8.30
CA THR B 126 31.08 24.10 -9.70
C THR B 126 30.36 22.86 -10.21
N CYS B 127 30.55 21.72 -9.54
CA CYS B 127 30.11 20.43 -10.07
C CYS B 127 28.68 20.06 -9.67
N VAL B 128 28.04 20.81 -8.79
CA VAL B 128 26.69 20.51 -8.33
C VAL B 128 25.72 21.27 -9.23
N PRO B 129 24.84 20.59 -9.98
CA PRO B 129 23.82 21.33 -10.74
C PRO B 129 22.94 22.14 -9.82
N ALA B 130 22.50 23.30 -10.31
CA ALA B 130 21.62 24.16 -9.53
C ALA B 130 20.29 23.45 -9.27
N LEU B 131 19.68 23.77 -8.14
CA LEU B 131 18.46 23.09 -7.72
C LEU B 131 17.40 23.19 -8.81
N GLY B 132 16.77 22.05 -9.10
CA GLY B 132 15.77 21.98 -10.14
C GLY B 132 16.32 21.70 -11.53
N SER B 133 17.64 21.66 -11.69
CA SER B 133 18.22 21.41 -12.99
C SER B 133 17.71 20.09 -13.55
N LYS B 134 17.33 20.09 -14.81
CA LYS B 134 16.84 18.89 -15.50
C LYS B 134 17.65 18.66 -16.76
N MET B 135 17.87 17.39 -17.09
CA MET B 135 18.66 17.05 -18.26
C MET B 135 18.05 17.61 -19.54
N LYS B 136 16.72 17.72 -19.59
CA LYS B 136 16.08 18.27 -20.78
C LYS B 136 16.49 19.71 -21.02
N VAL B 137 16.49 20.52 -19.97
CA VAL B 137 16.84 21.93 -20.11
C VAL B 137 18.28 22.08 -20.57
N ILE B 138 19.19 21.30 -19.97
CA ILE B 138 20.60 21.38 -20.34
C ILE B 138 20.79 20.94 -21.79
N LYS B 139 20.13 19.85 -22.19
CA LYS B 139 20.24 19.39 -23.57
C LYS B 139 19.74 20.43 -24.53
N ALA B 140 18.62 21.08 -24.20
CA ALA B 140 18.11 22.16 -25.05
C ALA B 140 19.13 23.30 -25.12
N SER B 141 19.77 23.62 -23.99
CA SER B 141 20.80 24.66 -24.00
C SER B 141 21.95 24.27 -24.92
N GLY B 142 22.36 23.01 -24.90
CA GLY B 142 23.40 22.52 -25.78
C GLY B 142 24.81 22.78 -25.33
N ASP B 143 25.01 23.17 -24.07
CA ASP B 143 26.36 23.42 -23.56
C ASP B 143 27.01 22.09 -23.21
N ALA B 144 28.13 21.78 -23.87
CA ALA B 144 28.79 20.50 -23.65
C ALA B 144 29.27 20.35 -22.22
N ALA B 145 29.86 21.41 -21.66
CA ALA B 145 30.35 21.34 -20.29
C ALA B 145 29.21 21.06 -19.31
N MET B 146 28.08 21.75 -19.50
CA MET B 146 26.94 21.54 -18.61
C MET B 146 26.42 20.11 -18.72
N ILE B 147 26.34 19.57 -19.94
CA ILE B 147 25.87 18.20 -20.11
C ILE B 147 26.82 17.23 -19.44
N GLN B 148 28.12 17.42 -19.60
CA GLN B 148 29.08 16.53 -18.97
C GLN B 148 28.97 16.61 -17.45
N MET B 149 28.81 17.83 -16.92
CA MET B 149 28.67 17.97 -15.47
C MET B 149 27.41 17.29 -14.97
N MET B 150 26.31 17.41 -15.69
CA MET B 150 25.08 16.74 -15.29
C MET B 150 25.24 15.23 -15.33
N LYS B 151 25.92 14.71 -16.36
CA LYS B 151 26.16 13.26 -16.42
C LYS B 151 27.02 12.80 -15.25
N ASP B 152 28.07 13.56 -14.93
CA ASP B 152 28.91 13.21 -13.79
C ASP B 152 28.11 13.24 -12.50
N HIS B 153 27.23 14.23 -12.34
CA HIS B 153 26.41 14.30 -11.14
C HIS B 153 25.48 13.10 -11.05
N ASN B 154 24.88 12.69 -12.17
CA ASN B 154 24.03 11.51 -12.15
C ASN B 154 24.83 10.26 -11.77
N SER B 155 26.02 10.10 -12.36
CA SER B 155 26.83 8.92 -12.05
C SER B 155 27.23 8.91 -10.58
N LEU B 156 27.60 10.07 -10.03
CA LEU B 156 27.99 10.13 -8.63
C LEU B 156 26.80 9.84 -7.73
N LEU B 157 25.61 10.32 -8.10
CA LEU B 157 24.41 9.98 -7.35
C LEU B 157 24.24 8.47 -7.32
N ARG B 158 24.39 7.80 -8.47
CA ARG B 158 24.19 6.37 -8.50
C ARG B 158 25.22 5.63 -7.65
N VAL B 159 26.50 6.02 -7.77
CA VAL B 159 27.54 5.35 -7.00
C VAL B 159 27.33 5.54 -5.51
N CYS B 160 26.99 6.76 -5.09
CA CYS B 160 26.77 7.02 -3.68
C CYS B 160 25.53 6.30 -3.16
N VAL B 161 24.49 6.18 -3.98
CA VAL B 161 23.34 5.39 -3.55
C VAL B 161 23.74 3.94 -3.35
N ARG B 162 24.54 3.40 -4.26
CA ARG B 162 24.97 2.01 -4.10
C ARG B 162 25.80 1.83 -2.83
N ILE B 163 26.73 2.75 -2.57
CA ILE B 163 27.56 2.64 -1.38
C ILE B 163 26.70 2.71 -0.12
N GLU B 164 25.73 3.62 -0.09
CA GLU B 164 24.92 3.78 1.10
C GLU B 164 24.00 2.57 1.30
N VAL B 165 23.53 1.95 0.21
CA VAL B 165 22.75 0.73 0.35
C VAL B 165 23.62 -0.38 0.93
N TRP B 166 24.85 -0.51 0.44
CA TRP B 166 25.74 -1.52 0.99
C TRP B 166 25.99 -1.26 2.48
N LYS B 167 26.19 -0.01 2.86
CA LYS B 167 26.43 0.31 4.27
C LYS B 167 25.19 0.03 5.12
N ALA B 168 23.99 0.28 4.58
CA ALA B 168 22.79 -0.08 5.32
C ALA B 168 22.74 -1.58 5.56
N ARG B 169 23.07 -2.37 4.54
CA ARG B 169 23.18 -3.81 4.72
C ARG B 169 24.17 -4.14 5.83
N TYR B 170 25.38 -3.58 5.74
CA TYR B 170 26.41 -3.89 6.71
C TYR B 170 25.97 -3.56 8.13
N VAL B 171 25.26 -2.45 8.31
CA VAL B 171 24.75 -2.11 9.62
C VAL B 171 23.69 -3.11 10.06
N SER B 172 22.89 -3.61 9.12
CA SER B 172 21.87 -4.58 9.51
C SER B 172 22.45 -5.90 9.96
N LEU B 173 23.73 -6.17 9.69
CA LEU B 173 24.30 -7.45 10.10
C LEU B 173 24.57 -7.52 11.60
N VAL B 174 24.61 -6.38 12.29
CA VAL B 174 24.94 -6.37 13.72
C VAL B 174 23.96 -5.56 14.55
N ALA B 175 23.11 -4.73 13.95
CA ALA B 175 22.18 -3.89 14.69
C ALA B 175 20.82 -3.97 14.03
N LEU B 176 19.92 -4.74 14.62
CA LEU B 176 18.58 -4.88 14.06
C LEU B 176 17.90 -3.53 13.92
N ASP B 177 16.80 -3.51 13.18
CA ASP B 177 16.00 -2.30 13.02
C ASP B 177 14.61 -2.51 13.61
N GLU B 178 14.16 -1.55 14.41
CA GLU B 178 12.84 -1.66 15.02
C GLU B 178 11.73 -1.53 13.99
N ARG B 179 11.95 -0.78 12.92
CA ARG B 179 10.90 -0.61 11.92
C ARG B 179 10.45 -1.95 11.36
N ILE B 180 11.35 -2.93 11.33
CA ILE B 180 11.08 -4.21 10.71
C ILE B 180 10.58 -5.17 11.78
N GLN B 181 9.26 -5.36 11.84
CA GLN B 181 8.63 -6.24 12.80
C GLN B 181 7.90 -7.41 12.16
N THR B 182 7.63 -7.35 10.85
CA THR B 182 6.90 -8.40 10.17
C THR B 182 7.45 -8.55 8.76
N LEU B 183 7.23 -9.73 8.19
CA LEU B 183 7.73 -10.00 6.84
C LEU B 183 7.25 -8.94 5.85
N GLU B 184 6.05 -8.40 6.07
CA GLU B 184 5.55 -7.36 5.17
C GLU B 184 6.44 -6.12 5.21
N ASP B 185 6.89 -5.74 6.41
CA ASP B 185 7.81 -4.61 6.52
C ASP B 185 9.18 -4.97 5.97
N ALA B 186 9.72 -6.12 6.36
CA ALA B 186 11.04 -6.52 5.90
C ALA B 186 11.10 -6.63 4.39
N GLN B 187 9.97 -6.83 3.73
CA GLN B 187 9.98 -6.97 2.27
C GLN B 187 10.51 -5.72 1.58
N TRP B 188 10.51 -4.56 2.26
CA TRP B 188 10.90 -3.31 1.63
C TRP B 188 12.28 -2.82 2.07
N PHE B 189 13.00 -3.57 2.89
CA PHE B 189 14.34 -3.16 3.26
C PHE B 189 15.23 -3.15 2.01
N PRO B 190 16.18 -2.22 1.90
CA PRO B 190 16.54 -1.12 2.80
C PRO B 190 15.65 0.10 2.64
N TYR B 191 15.45 0.83 3.72
CA TYR B 191 14.70 2.09 3.70
C TYR B 191 15.69 3.20 3.36
N LEU B 192 15.34 4.07 2.42
CA LEU B 192 16.17 5.21 2.08
C LEU B 192 15.30 6.33 1.52
N SER B 193 15.90 7.52 1.48
CA SER B 193 15.18 8.74 1.15
C SER B 193 14.62 8.67 -0.26
N GLY B 194 13.81 9.68 -0.61
CA GLY B 194 13.18 9.70 -1.92
C GLY B 194 14.17 9.82 -3.06
N ASP B 195 15.14 10.73 -2.94
CA ASP B 195 16.13 10.86 -4.01
C ASP B 195 16.99 9.61 -4.13
N SER B 196 17.24 8.93 -3.01
CA SER B 196 17.95 7.66 -3.09
C SER B 196 17.17 6.65 -3.92
N TYR B 197 15.84 6.61 -3.74
CA TYR B 197 15.04 5.69 -4.54
C TYR B 197 14.99 6.10 -5.99
N ARG B 198 14.96 7.41 -6.26
CA ARG B 198 14.90 7.88 -7.64
C ARG B 198 16.20 7.56 -8.37
N ALA B 199 17.33 7.62 -7.67
CA ALA B 199 18.61 7.40 -8.33
C ALA B 199 18.79 5.92 -8.72
N CYS B 200 18.52 5.00 -7.80
CA CYS B 200 18.73 3.57 -8.00
C CYS B 200 17.48 2.80 -7.59
N PRO B 201 16.42 2.84 -8.40
CA PRO B 201 15.19 2.16 -8.00
C PRO B 201 15.35 0.65 -7.89
N GLY B 202 16.36 0.08 -8.54
CA GLY B 202 16.49 -1.37 -8.60
C GLY B 202 17.05 -2.02 -7.36
N LEU B 203 17.54 -1.23 -6.41
CA LEU B 203 18.07 -1.74 -5.16
C LEU B 203 17.42 -1.12 -3.93
N VAL B 204 17.03 0.15 -4.00
CA VAL B 204 16.57 0.90 -2.85
C VAL B 204 15.09 0.68 -2.65
N GLY B 205 14.70 0.32 -1.44
CA GLY B 205 13.32 0.18 -1.05
C GLY B 205 12.85 1.36 -0.23
N GLY B 206 11.92 1.10 0.67
CA GLY B 206 11.42 2.12 1.57
C GLY B 206 10.02 2.58 1.20
N TYR B 207 9.70 3.79 1.66
CA TYR B 207 8.38 4.33 1.40
C TYR B 207 8.14 4.50 -0.10
N PHE B 208 9.14 5.01 -0.82
CA PHE B 208 8.93 5.35 -2.22
C PHE B 208 8.77 4.10 -3.08
N ALA B 209 9.54 3.05 -2.81
CA ALA B 209 9.32 1.80 -3.51
C ALA B 209 7.94 1.25 -3.18
N LYS B 210 7.51 1.40 -1.92
CA LYS B 210 6.17 0.96 -1.55
C LYS B 210 5.11 1.68 -2.38
N LYS B 211 5.23 2.99 -2.51
CA LYS B 211 4.26 3.76 -3.27
C LYS B 211 4.29 3.36 -4.74
N ALA B 212 5.48 3.19 -5.31
CA ALA B 212 5.58 2.80 -6.71
C ALA B 212 4.94 1.44 -6.95
N ALA B 213 5.20 0.47 -6.06
CA ALA B 213 4.62 -0.85 -6.22
C ALA B 213 3.10 -0.80 -6.07
N ALA B 214 2.60 -0.08 -5.07
CA ALA B 214 1.16 -0.02 -4.84
C ALA B 214 0.45 0.72 -5.96
N GLY B 215 1.06 1.77 -6.51
CA GLY B 215 0.44 2.55 -7.55
C GLY B 215 0.62 1.92 -8.92
N GLU B 216 0.31 2.72 -9.94
CA GLU B 216 0.44 2.27 -11.31
C GLU B 216 1.90 1.94 -11.62
N ARG B 217 2.11 0.85 -12.35
CA ARG B 217 3.45 0.39 -12.72
C ARG B 217 3.68 0.76 -14.18
N GLY B 218 4.58 1.72 -14.41
CA GLY B 218 4.87 2.23 -15.73
C GLY B 218 5.96 1.44 -16.44
N LYS B 219 6.42 2.00 -17.55
CA LYS B 219 7.47 1.37 -18.35
C LYS B 219 8.84 1.44 -17.69
N ASN B 220 9.02 2.30 -16.68
CA ASN B 220 10.30 2.44 -16.00
C ASN B 220 10.30 1.76 -14.63
N TYR B 221 9.22 1.08 -14.28
CA TYR B 221 9.14 0.40 -12.99
C TYR B 221 10.21 -0.67 -12.88
N LYS B 222 10.87 -0.74 -11.72
CA LYS B 222 11.88 -1.74 -11.44
C LYS B 222 11.57 -2.41 -10.11
N LYS B 223 11.59 -3.73 -10.09
CA LYS B 223 11.32 -4.46 -8.86
C LYS B 223 12.51 -4.37 -7.92
N LEU B 224 12.24 -4.47 -6.63
CA LEU B 224 13.29 -4.33 -5.62
C LEU B 224 14.13 -5.59 -5.59
N ASN B 225 15.26 -5.57 -6.28
CA ASN B 225 16.21 -6.68 -6.29
C ASN B 225 16.98 -6.62 -4.98
N GLN B 226 16.33 -7.08 -3.90
CA GLN B 226 16.81 -6.76 -2.55
C GLN B 226 18.23 -7.25 -2.33
N THR B 227 18.56 -8.45 -2.83
CA THR B 227 19.83 -9.11 -2.51
C THR B 227 20.80 -9.11 -3.68
N ALA B 228 20.78 -8.07 -4.50
CA ALA B 228 21.74 -7.97 -5.59
C ALA B 228 23.16 -8.03 -5.03
N ILE B 229 24.12 -8.26 -5.92
CA ILE B 229 25.52 -8.36 -5.51
C ILE B 229 26.17 -6.97 -5.59
N ILE B 230 26.55 -6.45 -4.43
CA ILE B 230 27.15 -5.13 -4.32
C ILE B 230 28.60 -5.30 -3.86
N PRO B 231 29.59 -5.13 -4.72
CA PRO B 231 30.97 -5.27 -4.27
C PRO B 231 31.26 -4.28 -3.16
N PRO B 232 32.11 -4.66 -2.21
CA PRO B 232 32.39 -3.79 -1.07
C PRO B 232 32.76 -2.39 -1.53
N PRO B 233 32.58 -1.38 -0.67
CA PRO B 233 32.87 -0.01 -1.10
C PRO B 233 34.32 0.20 -1.52
N ARG B 234 35.26 -0.53 -0.91
CA ARG B 234 36.65 -0.40 -1.31
C ARG B 234 36.90 -0.98 -2.71
N PHE B 235 36.09 -1.94 -3.14
CA PHE B 235 36.12 -2.40 -4.53
C PHE B 235 35.15 -1.63 -5.40
N LEU B 236 34.03 -1.17 -4.84
CA LEU B 236 33.02 -0.50 -5.63
C LEU B 236 33.56 0.80 -6.21
N ILE B 237 34.56 1.39 -5.56
CA ILE B 237 35.20 2.59 -6.11
C ILE B 237 36.42 2.27 -6.95
N ILE B 238 36.83 1.01 -7.03
CA ILE B 238 37.97 0.60 -7.84
C ILE B 238 37.56 -0.17 -9.09
N GLY B 239 36.36 -0.73 -9.13
CA GLY B 239 35.89 -1.49 -10.27
C GLY B 239 36.20 -2.96 -10.22
N HIS B 240 36.93 -3.43 -9.22
CA HIS B 240 37.22 -4.86 -9.08
C HIS B 240 35.97 -5.57 -8.62
N ARG B 241 35.20 -6.09 -9.57
CA ARG B 241 33.96 -6.79 -9.26
C ARG B 241 34.22 -7.90 -8.26
N LEU B 242 33.29 -8.08 -7.32
CA LEU B 242 33.38 -9.19 -6.39
C LEU B 242 33.35 -10.50 -7.15
N GLN B 243 34.28 -11.40 -6.81
CA GLN B 243 34.36 -12.69 -7.46
C GLN B 243 35.18 -13.62 -6.56
N ILE B 244 35.33 -14.87 -7.01
CA ILE B 244 36.01 -15.86 -6.19
C ILE B 244 37.49 -15.52 -6.06
N GLY B 245 38.08 -15.87 -4.92
CA GLY B 245 39.49 -15.65 -4.66
C GLY B 245 39.82 -14.34 -3.96
N ASP B 246 38.85 -13.44 -3.83
CA ASP B 246 39.12 -12.16 -3.19
C ASP B 246 39.14 -12.30 -1.68
N GLN B 247 40.06 -11.58 -1.04
CA GLN B 247 40.23 -11.63 0.41
C GLN B 247 39.32 -10.58 1.04
N VAL B 248 38.34 -11.03 1.82
CA VAL B 248 37.34 -10.16 2.42
C VAL B 248 36.87 -10.78 3.74
N THR B 249 36.37 -9.92 4.61
CA THR B 249 35.87 -10.35 5.91
C THR B 249 34.56 -11.11 5.74
N LEU B 250 34.06 -11.67 6.84
CA LEU B 250 32.75 -12.30 6.81
C LEU B 250 31.64 -11.26 6.81
N ARG B 251 31.75 -10.24 7.65
CA ARG B 251 30.70 -9.24 7.74
C ARG B 251 30.54 -8.49 6.43
N GLU B 252 31.65 -8.06 5.84
CA GLU B 252 31.59 -7.31 4.59
C GLU B 252 31.05 -8.16 3.46
N LEU B 253 31.54 -9.40 3.33
CA LEU B 253 31.03 -10.29 2.29
C LEU B 253 29.54 -10.54 2.44
N LEU B 254 29.10 -10.82 3.66
CA LEU B 254 27.69 -11.10 3.90
C LEU B 254 26.84 -9.88 3.56
N ALA B 255 27.25 -8.69 4.01
CA ALA B 255 26.48 -7.49 3.67
C ALA B 255 26.47 -7.26 2.17
N SER B 256 27.49 -7.74 1.46
CA SER B 256 27.52 -7.60 0.01
C SER B 256 26.53 -8.55 -0.67
N ILE B 257 26.42 -9.79 -0.19
CA ILE B 257 25.56 -10.77 -0.84
C ILE B 257 24.30 -11.08 -0.06
N ALA B 258 24.02 -10.38 1.02
CA ALA B 258 22.78 -10.56 1.77
C ALA B 258 22.74 -9.50 2.86
N TRP B 259 21.70 -9.51 3.69
CA TRP B 259 21.53 -8.50 4.73
C TRP B 259 21.19 -9.21 6.04
N GLY B 260 20.73 -8.43 7.00
CA GLY B 260 20.66 -8.94 8.38
C GLY B 260 19.82 -10.18 8.54
N LEU B 261 18.64 -10.20 7.93
CA LEU B 261 17.65 -11.24 8.18
C LEU B 261 17.63 -12.34 7.12
N CYS B 262 18.56 -12.33 6.17
CA CYS B 262 18.61 -13.40 5.19
C CYS B 262 19.07 -14.68 5.85
N ASP B 263 18.82 -15.80 5.18
CA ASP B 263 19.09 -17.11 5.77
C ASP B 263 20.58 -17.28 6.04
N GLY B 264 20.89 -18.08 7.05
CA GLY B 264 22.26 -18.24 7.51
C GLY B 264 23.17 -19.02 6.58
N VAL B 265 22.61 -19.87 5.72
CA VAL B 265 23.44 -20.71 4.87
C VAL B 265 24.42 -19.88 4.06
N LEU B 266 24.11 -18.62 3.80
CA LEU B 266 24.99 -17.80 2.97
C LEU B 266 26.38 -17.70 3.56
N ALA B 267 26.52 -17.90 4.88
CA ALA B 267 27.84 -17.82 5.50
C ALA B 267 28.79 -18.86 4.94
N GLU B 268 28.26 -19.89 4.28
CA GLU B 268 29.09 -20.91 3.66
C GLU B 268 29.94 -20.36 2.52
N CYS B 269 29.64 -19.14 2.06
CA CYS B 269 30.42 -18.52 1.00
C CYS B 269 31.77 -17.98 1.47
N TRP B 270 32.15 -18.25 2.71
CA TRP B 270 33.41 -17.76 3.27
C TRP B 270 34.23 -18.93 3.79
N SER B 271 35.54 -18.85 3.57
CA SER B 271 36.47 -19.89 4.02
C SER B 271 37.54 -19.22 4.86
N PRO B 272 37.57 -19.44 6.18
CA PRO B 272 38.60 -18.79 7.00
C PRO B 272 39.99 -19.14 6.51
N SER B 273 40.89 -18.17 6.60
CA SER B 273 42.25 -18.36 6.11
C SER B 273 43.06 -19.21 7.09
N GLN B 274 44.25 -19.62 6.65
CA GLN B 274 45.12 -20.47 7.44
C GLN B 274 45.85 -19.70 8.55
N GLY B 275 45.82 -18.38 8.52
CA GLY B 275 46.53 -17.59 9.50
C GLY B 275 45.68 -17.25 10.70
N ASP B 276 45.48 -15.95 10.94
CA ASP B 276 44.67 -15.53 12.08
C ASP B 276 43.24 -16.03 11.96
N GLY B 277 42.66 -15.98 10.76
CA GLY B 277 41.32 -16.43 10.52
C GLY B 277 40.25 -15.35 10.63
N SER B 278 40.62 -14.15 11.06
CA SER B 278 39.65 -13.05 11.08
C SER B 278 39.26 -12.63 9.67
N ILE B 279 40.24 -12.51 8.77
CA ILE B 279 40.03 -12.11 7.39
C ILE B 279 40.29 -13.33 6.52
N GLY B 280 39.29 -13.71 5.72
CA GLY B 280 39.39 -14.91 4.91
C GLY B 280 39.28 -14.65 3.43
N VAL B 281 38.74 -15.63 2.70
CA VAL B 281 38.61 -15.56 1.25
C VAL B 281 37.22 -16.02 0.84
N VAL B 282 36.77 -15.57 -0.33
CA VAL B 282 35.46 -15.94 -0.87
C VAL B 282 35.67 -17.16 -1.75
N VAL B 283 34.88 -18.22 -1.50
CA VAL B 283 34.97 -19.44 -2.29
C VAL B 283 33.89 -19.50 -3.36
N GLY B 284 32.65 -19.19 -3.00
CA GLY B 284 31.55 -19.27 -3.95
C GLY B 284 30.48 -18.27 -3.62
N LEU B 285 29.79 -17.81 -4.65
CA LEU B 285 28.73 -16.82 -4.50
C LEU B 285 27.37 -17.46 -4.71
N PRO B 286 26.35 -17.07 -3.95
CA PRO B 286 25.03 -17.67 -4.15
C PRO B 286 24.47 -17.29 -5.51
N LEU B 287 23.60 -18.16 -6.02
CA LEU B 287 22.95 -17.97 -7.31
C LEU B 287 21.48 -17.63 -7.08
N GLN B 288 21.04 -16.55 -7.73
CA GLN B 288 19.63 -16.16 -7.65
C GLN B 288 18.78 -17.26 -8.27
N ALA B 289 17.96 -17.91 -7.44
CA ALA B 289 17.22 -19.10 -7.84
C ALA B 289 16.42 -18.87 -9.13
N THR B 290 16.31 -19.91 -9.96
CA THR B 290 15.55 -19.84 -11.20
C THR B 290 14.76 -21.13 -11.41
N GLY B 291 13.46 -21.10 -11.13
CA GLY B 291 12.63 -22.27 -11.29
C GLY B 291 11.57 -22.41 -10.21
N SER B 292 11.74 -21.69 -9.11
CA SER B 292 10.77 -21.74 -8.03
C SER B 292 9.55 -20.90 -8.37
N CYS B 293 8.47 -21.58 -8.78
CA CYS B 293 7.23 -20.92 -9.15
C CYS B 293 6.04 -21.66 -8.51
N PHE B 294 6.12 -21.86 -7.21
CA PHE B 294 5.22 -22.77 -6.50
C PHE B 294 3.81 -22.20 -6.33
N LEU B 295 3.48 -21.14 -7.05
CA LEU B 295 2.15 -20.54 -6.97
C LEU B 295 1.10 -21.54 -7.43
N VAL B 296 -0.15 -21.27 -7.05
CA VAL B 296 -1.29 -21.98 -7.60
C VAL B 296 -2.46 -21.02 -7.70
N VAL B 297 -2.76 -20.54 -8.92
CA VAL B 297 -3.82 -19.56 -9.09
C VAL B 297 -5.18 -20.23 -9.02
N ALA B 298 -6.18 -19.45 -8.61
CA ALA B 298 -7.53 -19.99 -8.45
C ALA B 298 -8.19 -20.23 -9.79
N SER B 299 -9.03 -21.25 -9.85
CA SER B 299 -9.79 -21.56 -11.06
C SER B 299 -10.90 -22.54 -10.70
N HIS B 300 -12.03 -22.40 -11.39
CA HIS B 300 -13.19 -23.28 -11.18
C HIS B 300 -13.65 -23.25 -9.74
N GLY B 301 -13.59 -22.07 -9.11
CA GLY B 301 -14.06 -21.90 -7.76
C GLY B 301 -13.04 -22.18 -6.68
N LEU B 302 -11.85 -22.64 -7.03
CA LEU B 302 -10.82 -22.90 -6.04
C LEU B 302 -10.23 -21.58 -5.55
N SER B 303 -9.23 -21.67 -4.68
CA SER B 303 -8.62 -20.51 -4.06
C SER B 303 -7.12 -20.52 -4.30
N ALA B 304 -6.55 -19.32 -4.39
CA ALA B 304 -5.13 -19.18 -4.69
C ALA B 304 -4.27 -19.69 -3.54
N ILE B 305 -3.03 -20.04 -3.87
CA ILE B 305 -2.03 -20.46 -2.89
C ILE B 305 -0.77 -19.66 -3.15
N ALA B 306 -0.45 -18.73 -2.25
CA ALA B 306 0.72 -17.88 -2.46
C ALA B 306 2.01 -18.69 -2.47
N ASP B 307 1.99 -19.87 -1.84
CA ASP B 307 3.18 -20.71 -1.78
C ASP B 307 2.75 -22.11 -1.37
N SER B 308 3.03 -23.11 -2.20
CA SER B 308 2.57 -24.46 -1.93
C SER B 308 3.18 -25.02 -0.66
N ARG B 309 4.49 -24.82 -0.46
CA ARG B 309 5.17 -25.46 0.65
C ARG B 309 4.63 -24.99 1.99
N ILE B 310 4.44 -23.68 2.14
CA ILE B 310 3.98 -23.15 3.43
C ILE B 310 2.58 -23.65 3.74
N GLU B 311 1.68 -23.61 2.75
CA GLU B 311 0.33 -24.08 2.94
C GLU B 311 0.23 -25.60 3.04
N GLY B 312 1.30 -26.32 2.74
CA GLY B 312 1.28 -27.78 2.86
C GLY B 312 1.30 -28.25 4.30
N THR B 313 1.49 -27.36 5.26
CA THR B 313 1.51 -27.71 6.68
C THR B 313 2.61 -28.73 6.96
N GLY B 314 3.82 -28.42 6.50
CA GLY B 314 4.97 -29.29 6.70
C GLY B 314 6.19 -28.55 7.20
N ASN B 315 7.06 -29.27 7.90
CA ASN B 315 8.29 -28.69 8.43
C ASN B 315 9.51 -29.42 7.87
N THR B 316 9.31 -30.65 7.39
CA THR B 316 10.42 -31.42 6.87
C THR B 316 11.08 -30.70 5.70
N ASN B 317 10.28 -30.21 4.76
CA ASN B 317 10.84 -29.47 3.63
C ASN B 317 11.55 -28.21 4.08
N LEU B 318 10.95 -27.47 5.01
CA LEU B 318 11.51 -26.19 5.43
C LEU B 318 12.90 -26.35 6.03
N LEU B 319 13.15 -27.47 6.70
CA LEU B 319 14.47 -27.74 7.27
C LEU B 319 15.42 -28.40 6.27
N GLU B 320 14.93 -28.81 5.11
CA GLU B 320 15.73 -29.50 4.11
C GLU B 320 15.73 -28.78 2.77
N GLU B 321 15.68 -27.45 2.81
CA GLU B 321 15.78 -26.66 1.60
C GLU B 321 17.21 -26.69 1.08
N CYS B 322 17.45 -25.96 -0.01
CA CYS B 322 18.78 -25.88 -0.58
C CYS B 322 18.97 -24.51 -1.22
N ILE B 323 20.23 -24.10 -1.34
CA ILE B 323 20.61 -22.87 -2.02
C ILE B 323 21.75 -23.21 -2.98
N ALA B 324 21.68 -22.67 -4.18
CA ALA B 324 22.62 -23.01 -5.25
C ALA B 324 23.80 -22.06 -5.19
N ILE B 325 24.89 -22.51 -4.60
CA ILE B 325 26.11 -21.71 -4.49
C ILE B 325 27.02 -22.06 -5.65
N GLN B 326 27.35 -21.07 -6.47
CA GLN B 326 28.32 -21.26 -7.54
C GLN B 326 29.71 -21.16 -6.95
N LYS B 327 30.45 -22.27 -6.97
CA LYS B 327 31.81 -22.35 -6.48
C LYS B 327 32.78 -22.43 -7.65
N GLN B 328 34.07 -22.39 -7.34
CA GLN B 328 35.09 -22.49 -8.38
C GLN B 328 34.99 -23.83 -9.11
N ASP B 329 34.79 -24.92 -8.37
CA ASP B 329 34.66 -26.22 -9.00
C ASP B 329 33.36 -26.34 -9.77
N GLY B 330 32.26 -25.87 -9.18
CA GLY B 330 30.97 -25.94 -9.84
C GLY B 330 29.87 -25.59 -8.86
N VAL B 331 28.64 -25.76 -9.36
CA VAL B 331 27.46 -25.48 -8.54
C VAL B 331 27.36 -26.51 -7.42
N ILE B 332 26.91 -26.05 -6.25
CA ILE B 332 26.69 -26.92 -5.10
C ILE B 332 25.34 -26.56 -4.49
N LYS B 333 24.69 -27.54 -3.88
CA LYS B 333 23.43 -27.32 -3.17
C LYS B 333 23.70 -27.40 -1.68
N CYS B 334 23.56 -26.27 -0.99
CA CYS B 334 23.83 -26.18 0.45
C CYS B 334 22.51 -26.09 1.21
N LYS B 335 22.34 -26.95 2.21
CA LYS B 335 21.10 -26.96 2.97
C LYS B 335 20.99 -25.72 3.85
N ARG B 336 19.78 -25.18 3.95
CA ARG B 336 19.58 -23.95 4.71
C ARG B 336 19.64 -24.21 6.21
N SER B 337 20.22 -23.26 6.94
CA SER B 337 20.39 -23.41 8.38
C SER B 337 19.16 -23.01 9.17
N GLY B 338 18.21 -22.30 8.55
CA GLY B 338 16.96 -22.00 9.20
C GLY B 338 17.02 -20.94 10.28
N LYS B 339 18.10 -20.16 10.34
CA LYS B 339 18.23 -19.09 11.32
C LYS B 339 18.73 -17.82 10.63
N SER B 340 18.30 -16.69 11.17
CA SER B 340 18.65 -15.41 10.57
C SER B 340 20.16 -15.22 10.54
N LEU B 341 20.64 -14.50 9.54
CA LEU B 341 22.08 -14.25 9.43
C LEU B 341 22.59 -13.46 10.63
N TYR B 342 21.81 -12.48 11.08
CA TYR B 342 22.23 -11.69 12.23
C TYR B 342 22.39 -12.56 13.46
N HIS B 343 21.44 -13.47 13.70
CA HIS B 343 21.53 -14.34 14.87
C HIS B 343 22.70 -15.29 14.76
N CYS B 344 22.95 -15.84 13.57
CA CYS B 344 24.10 -16.72 13.40
C CYS B 344 25.40 -15.97 13.67
N LEU B 345 25.52 -14.75 13.16
CA LEU B 345 26.70 -13.95 13.43
C LEU B 345 26.87 -13.70 14.92
N LYS B 346 25.77 -13.35 15.61
CA LYS B 346 25.86 -13.10 17.04
C LYS B 346 26.30 -14.35 17.79
N GLU B 347 25.73 -15.50 17.44
CA GLU B 347 26.07 -16.74 18.15
C GLU B 347 27.51 -17.15 17.91
N THR B 348 28.00 -16.97 16.68
CA THR B 348 29.40 -17.29 16.39
C THR B 348 30.34 -16.46 17.25
N ALA B 349 30.05 -15.16 17.37
CA ALA B 349 30.88 -14.28 18.20
C ALA B 349 30.76 -14.67 19.67
N LEU C 35 17.85 12.31 48.94
CA LEU C 35 17.33 11.92 47.64
C LEU C 35 18.16 12.56 46.52
N PRO C 36 18.16 11.96 45.33
CA PRO C 36 18.87 12.57 44.21
C PRO C 36 18.31 13.94 43.87
N ARG C 37 19.18 14.81 43.35
CA ARG C 37 18.75 16.15 43.00
C ARG C 37 17.58 16.13 42.03
N ASN C 38 17.52 15.13 41.16
CA ASN C 38 16.42 15.03 40.19
C ASN C 38 15.08 15.06 40.89
N LEU C 39 14.95 14.35 42.01
CA LEU C 39 13.72 14.34 42.78
C LEU C 39 13.66 15.47 43.81
N GLU C 40 14.82 15.90 44.32
CA GLU C 40 14.83 16.97 45.31
C GLU C 40 14.31 18.27 44.71
N VAL C 41 14.69 18.58 43.47
CA VAL C 41 14.23 19.80 42.82
C VAL C 41 12.71 19.77 42.69
N PHE C 42 12.16 18.64 42.26
CA PHE C 42 10.71 18.54 42.11
C PHE C 42 10.01 18.67 43.45
N ASN C 43 10.54 18.02 44.49
CA ASN C 43 9.93 18.12 45.81
C ASN C 43 9.94 19.57 46.29
N GLU C 44 11.07 20.25 46.14
CA GLU C 44 11.18 21.64 46.59
C GLU C 44 10.22 22.54 45.83
N ALA C 45 10.15 22.37 44.51
CA ALA C 45 9.24 23.20 43.72
C ALA C 45 7.78 22.95 44.11
N CYS C 46 7.42 21.67 44.27
CA CYS C 46 6.05 21.35 44.64
C CYS C 46 5.69 21.95 45.98
N GLY C 47 6.59 21.83 46.97
CA GLY C 47 6.33 22.44 48.26
C GLY C 47 6.18 23.95 48.16
N HIS C 48 7.17 24.61 47.54
CA HIS C 48 7.15 26.06 47.47
C HIS C 48 5.93 26.58 46.72
N VAL C 49 5.38 25.78 45.82
CA VAL C 49 4.23 26.22 45.02
C VAL C 49 2.92 25.94 45.74
N PHE C 50 2.76 24.76 46.36
CA PHE C 50 1.47 24.30 46.84
C PHE C 50 1.35 24.27 48.36
N GLY C 51 2.33 24.77 49.10
CA GLY C 51 2.20 24.76 50.54
C GLY C 51 2.09 23.34 51.06
N SER C 52 1.30 23.17 52.13
CA SER C 52 1.08 21.86 52.71
C SER C 52 0.00 21.07 52.00
N SER C 53 -0.77 21.70 51.11
CA SER C 53 -1.84 21.02 50.41
C SER C 53 -1.31 19.95 49.46
N PHE C 54 -0.03 19.99 49.11
CA PHE C 54 0.54 19.02 48.19
C PHE C 54 0.71 17.67 48.87
N ASN C 55 -0.30 16.79 48.75
CA ASN C 55 -0.20 15.46 49.33
C ASN C 55 0.79 14.62 48.53
N ARG C 56 1.69 13.94 49.24
CA ARG C 56 2.75 13.15 48.61
C ARG C 56 2.44 11.67 48.60
N GLU C 57 1.20 11.27 48.90
CA GLU C 57 0.82 9.86 48.92
C GLU C 57 -0.36 9.54 48.02
N ASP C 58 -0.81 10.49 47.21
CA ASP C 58 -1.89 10.28 46.26
C ASP C 58 -1.35 10.44 44.84
N ASN C 59 -1.62 9.45 43.99
CA ASN C 59 -1.17 9.53 42.61
C ASN C 59 -1.82 10.70 41.88
N SER C 60 -3.13 10.90 42.07
CA SER C 60 -3.83 11.96 41.35
C SER C 60 -3.30 13.33 41.73
N VAL C 61 -3.08 13.57 43.03
CA VAL C 61 -2.60 14.87 43.48
C VAL C 61 -1.21 15.15 42.91
N ILE C 62 -0.33 14.16 42.96
CA ILE C 62 1.02 14.33 42.44
C ILE C 62 0.98 14.59 40.94
N SER C 63 0.14 13.86 40.22
CA SER C 63 0.03 14.06 38.78
C SER C 63 -0.48 15.46 38.46
N ASP C 64 -1.48 15.94 39.20
CA ASP C 64 -1.99 17.28 38.96
C ASP C 64 -0.91 18.32 39.23
N ALA C 65 -0.16 18.16 40.33
CA ALA C 65 0.90 19.11 40.64
C ALA C 65 1.98 19.09 39.57
N ALA C 66 2.36 17.90 39.09
CA ALA C 66 3.36 17.79 38.05
C ALA C 66 2.89 18.45 36.77
N ALA C 67 1.64 18.23 36.39
CA ALA C 67 1.11 18.86 35.19
C ALA C 67 1.12 20.38 35.31
N PHE C 68 0.71 20.90 36.47
CA PHE C 68 0.71 22.34 36.67
C PHE C 68 2.12 22.89 36.59
N LEU C 69 3.09 22.22 37.22
CA LEU C 69 4.47 22.69 37.17
C LEU C 69 5.02 22.65 35.76
N PHE C 70 4.68 21.60 35.00
CA PHE C 70 5.11 21.50 33.61
C PHE C 70 4.54 22.65 32.78
N LYS C 71 3.27 22.96 32.98
CA LYS C 71 2.68 24.10 32.29
C LYS C 71 3.35 25.40 32.70
N MET C 72 3.68 25.54 33.99
CA MET C 72 4.33 26.75 34.46
C MET C 72 5.71 26.94 33.82
N HIS C 73 6.51 25.88 33.79
CA HIS C 73 7.86 25.96 33.25
C HIS C 73 7.90 25.98 31.73
N THR C 74 6.78 25.66 31.07
CA THR C 74 6.66 25.78 29.63
C THR C 74 6.06 27.12 29.21
N HIS C 75 5.83 28.02 30.17
CA HIS C 75 5.25 29.33 29.90
C HIS C 75 3.90 29.20 29.21
N SER C 76 3.11 28.21 29.65
CA SER C 76 1.79 27.95 29.09
C SER C 76 0.66 28.47 29.95
N LEU C 77 0.96 29.05 31.12
CA LEU C 77 -0.08 29.56 32.00
C LEU C 77 -0.51 30.96 31.56
N ASP C 78 -1.60 31.44 32.15
CA ASP C 78 -2.09 32.77 31.87
C ASP C 78 -1.13 33.82 32.40
N GLY C 79 -0.97 34.90 31.64
CA GLY C 79 -0.09 35.98 32.06
C GLY C 79 1.38 35.66 31.98
N GLN C 80 1.76 34.63 31.21
CA GLN C 80 3.15 34.26 31.02
C GLN C 80 3.64 34.75 29.67
N GLU C 81 4.91 34.43 29.36
CA GLU C 81 5.52 34.89 28.12
C GLU C 81 4.72 34.38 26.92
N ALA C 82 5.03 34.96 25.76
CA ALA C 82 4.35 34.64 24.52
C ALA C 82 5.32 33.94 23.57
N LYS C 83 4.88 32.81 23.00
CA LYS C 83 5.69 32.02 22.08
C LYS C 83 5.49 32.59 20.68
N VAL C 84 6.34 33.54 20.30
CA VAL C 84 6.13 34.31 19.08
C VAL C 84 7.37 34.33 18.20
N LEU C 85 8.21 33.29 18.30
CA LEU C 85 9.40 33.24 17.45
C LEU C 85 9.00 33.11 15.98
N ARG C 86 8.13 32.16 15.67
CA ARG C 86 7.67 31.95 14.30
C ARG C 86 6.18 31.63 14.26
N ALA C 87 5.44 32.09 15.27
CA ALA C 87 4.01 31.78 15.35
C ALA C 87 3.26 32.40 14.19
N SER C 88 2.25 31.69 13.69
CA SER C 88 1.41 32.20 12.62
C SER C 88 0.45 33.26 13.17
N GLU C 89 -0.32 33.86 12.27
CA GLU C 89 -1.18 34.98 12.65
C GLU C 89 -2.10 34.60 13.79
N LYS C 90 -2.83 33.50 13.64
CA LYS C 90 -3.76 33.09 14.70
C LYS C 90 -3.01 32.66 15.95
N LYS C 91 -1.91 31.92 15.79
CA LYS C 91 -1.11 31.55 16.94
C LYS C 91 -0.53 32.78 17.62
N ARG C 92 -0.09 33.76 16.84
CA ARG C 92 0.41 35.01 17.41
C ARG C 92 -0.68 35.71 18.21
N GLU C 93 -1.89 35.77 17.65
CA GLU C 93 -2.99 36.42 18.36
C GLU C 93 -3.31 35.70 19.66
N ARG C 94 -3.34 34.37 19.63
CA ARG C 94 -3.66 33.62 20.85
C ARG C 94 -2.57 33.78 21.89
N GLU C 95 -1.29 33.80 21.47
CA GLU C 95 -0.21 34.04 22.41
C GLU C 95 -0.33 35.43 23.03
N ASN C 96 -0.66 36.43 22.22
CA ASN C 96 -0.84 37.78 22.76
C ASN C 96 -2.00 37.82 23.75
N ALA C 97 -3.10 37.15 23.43
CA ALA C 97 -4.24 37.11 24.36
C ALA C 97 -3.87 36.43 25.67
N LYS C 98 -3.15 35.31 25.59
CA LYS C 98 -2.72 34.62 26.79
C LYS C 98 -1.81 35.50 27.64
N LYS C 99 -0.87 36.19 27.00
CA LYS C 99 -0.01 37.11 27.73
C LYS C 99 -0.83 38.21 28.41
N SER C 100 -1.78 38.78 27.67
CA SER C 100 -2.63 39.84 28.25
C SER C 100 -3.57 39.29 29.31
N ARG C 101 -3.95 38.01 29.21
CA ARG C 101 -4.88 37.44 30.16
C ARG C 101 -4.28 37.44 31.56
N LYS C 102 -5.15 37.66 32.56
CA LYS C 102 -4.68 37.75 33.93
C LYS C 102 -4.04 36.44 34.38
N ALA C 103 -2.94 36.56 35.12
CA ALA C 103 -2.24 35.39 35.61
C ALA C 103 -2.98 34.77 36.80
N PRO C 104 -2.71 33.50 37.10
CA PRO C 104 -3.35 32.88 38.27
C PRO C 104 -2.95 33.60 39.55
N GLU C 105 -3.89 33.63 40.50
CA GLU C 105 -3.70 34.30 41.77
C GLU C 105 -3.60 33.27 42.90
N ALA C 106 -3.06 33.71 44.03
CA ALA C 106 -2.86 32.82 45.15
C ALA C 106 -4.19 32.28 45.65
N GLY C 107 -4.18 31.03 46.10
CA GLY C 107 -5.39 30.36 46.56
C GLY C 107 -6.20 29.70 45.47
N MET C 108 -5.76 29.75 44.22
CA MET C 108 -6.50 29.12 43.14
C MET C 108 -6.56 27.61 43.37
N ARG C 109 -7.70 27.02 43.04
CA ARG C 109 -7.90 25.59 43.18
C ARG C 109 -7.50 24.90 41.87
N VAL C 110 -6.48 24.06 41.95
CA VAL C 110 -5.99 23.31 40.80
C VAL C 110 -6.16 21.83 41.10
N GLY C 111 -6.72 21.09 40.15
CA GLY C 111 -6.99 19.69 40.37
C GLY C 111 -8.17 19.47 41.28
N ARG C 112 -7.98 18.73 42.37
CA ARG C 112 -9.05 18.45 43.31
C ARG C 112 -8.61 18.77 44.74
N SER C 113 -7.32 18.62 45.04
CA SER C 113 -6.83 18.78 46.40
C SER C 113 -5.53 19.58 46.43
N LEU C 114 -5.36 20.52 45.50
CA LEU C 114 -4.19 21.38 45.46
C LEU C 114 -4.62 22.83 45.41
N ILE C 115 -4.04 23.65 46.29
CA ILE C 115 -4.32 25.08 46.36
C ILE C 115 -3.00 25.83 46.29
N LEU C 116 -2.93 26.86 45.44
CA LEU C 116 -1.70 27.61 45.26
C LEU C 116 -1.36 28.40 46.51
N THR C 117 -0.07 28.71 46.65
CA THR C 117 0.43 29.52 47.74
C THR C 117 1.00 30.82 47.18
N SER C 118 0.90 31.89 47.98
CA SER C 118 1.36 33.19 47.53
C SER C 118 2.82 33.15 47.10
N ARG C 119 3.61 32.26 47.70
CA ARG C 119 5.01 32.14 47.34
C ARG C 119 5.21 31.69 45.90
N TRP C 120 4.22 31.01 45.31
CA TRP C 120 4.40 30.44 43.98
C TRP C 120 4.89 31.49 43.00
N THR C 121 4.29 32.69 43.04
CA THR C 121 4.70 33.75 42.11
C THR C 121 6.21 33.97 42.22
N GLU C 122 6.71 34.19 43.45
CA GLU C 122 8.13 34.35 43.64
C GLU C 122 8.89 33.21 43.01
N TYR C 123 8.45 31.97 43.28
CA TYR C 123 9.08 30.82 42.65
C TYR C 123 9.04 30.95 41.14
N CYS C 124 7.85 31.22 40.59
CA CYS C 124 7.72 31.42 39.16
C CYS C 124 8.58 32.57 38.67
N ALA C 125 8.85 33.55 39.54
CA ALA C 125 9.70 34.67 39.14
C ALA C 125 11.17 34.29 39.12
N THR C 126 11.58 33.30 39.93
CA THR C 126 12.98 32.98 40.12
C THR C 126 13.39 31.70 39.41
N CYS C 127 12.72 30.58 39.71
CA CYS C 127 13.17 29.29 39.19
C CYS C 127 12.84 29.13 37.70
N VAL C 128 11.74 29.69 37.23
CA VAL C 128 11.32 29.53 35.85
C VAL C 128 12.28 30.29 34.95
N PRO C 129 12.99 29.64 34.02
CA PRO C 129 13.83 30.39 33.09
C PRO C 129 13.00 31.26 32.17
N ALA C 130 13.60 32.36 31.73
CA ALA C 130 12.94 33.25 30.79
C ALA C 130 12.69 32.53 29.47
N LEU C 131 11.59 32.88 28.82
CA LEU C 131 11.22 32.23 27.56
C LEU C 131 12.34 32.38 26.54
N GLY C 132 12.64 31.27 25.87
CA GLY C 132 13.65 31.26 24.83
C GLY C 132 15.07 31.08 25.32
N SER C 133 15.30 31.05 26.62
CA SER C 133 16.65 30.88 27.15
C SER C 133 17.21 29.53 26.71
N LYS C 134 18.45 29.55 26.23
CA LYS C 134 19.13 28.34 25.76
C LYS C 134 20.36 28.09 26.60
N MET C 135 20.66 26.81 26.83
CA MET C 135 21.80 26.45 27.67
C MET C 135 23.11 27.01 27.12
N LYS C 136 23.18 27.23 25.80
CA LYS C 136 24.40 27.80 25.23
C LYS C 136 24.66 29.19 25.77
N VAL C 137 23.63 30.03 25.83
CA VAL C 137 23.81 31.38 26.33
C VAL C 137 24.18 31.36 27.81
N ILE C 138 23.54 30.48 28.58
CA ILE C 138 23.84 30.40 30.01
C ILE C 138 25.28 29.97 30.21
N LYS C 139 25.74 28.97 29.45
CA LYS C 139 27.13 28.52 29.56
C LYS C 139 28.10 29.63 29.16
N ALA C 140 27.79 30.36 28.09
CA ALA C 140 28.66 31.44 27.66
C ALA C 140 28.73 32.53 28.71
N SER C 141 27.61 32.79 29.40
CA SER C 141 27.62 33.78 30.47
C SER C 141 28.56 33.37 31.59
N GLY C 142 28.57 32.08 31.94
CA GLY C 142 29.43 31.57 32.98
C GLY C 142 28.89 31.71 34.39
N ASP C 143 27.65 32.15 34.55
CA ASP C 143 27.06 32.29 35.87
C ASP C 143 26.73 30.91 36.43
N ALA C 144 27.36 30.55 37.55
CA ALA C 144 27.11 29.23 38.14
C ALA C 144 25.67 29.09 38.61
N ALA C 145 25.12 30.15 39.19
CA ALA C 145 23.73 30.09 39.67
C ALA C 145 22.77 29.84 38.52
N MET C 146 22.97 30.52 37.40
CA MET C 146 22.09 30.34 36.25
C MET C 146 22.25 28.93 35.67
N ILE C 147 23.48 28.41 35.61
CA ILE C 147 23.70 27.07 35.09
C ILE C 147 22.98 26.04 35.98
N GLN C 148 23.11 26.20 37.30
CA GLN C 148 22.43 25.29 38.20
C GLN C 148 20.91 25.41 38.06
N MET C 149 20.41 26.63 37.89
CA MET C 149 18.97 26.81 37.68
C MET C 149 18.51 26.10 36.41
N MET C 150 19.28 26.21 35.33
CA MET C 150 18.90 25.55 34.08
C MET C 150 18.93 24.03 34.24
N LYS C 151 19.95 23.50 34.94
CA LYS C 151 19.99 22.06 35.17
C LYS C 151 18.80 21.61 36.01
N ASP C 152 18.46 22.38 37.04
CA ASP C 152 17.29 22.06 37.86
C ASP C 152 16.02 22.09 37.01
N HIS C 153 15.90 23.06 36.11
CA HIS C 153 14.75 23.14 35.23
C HIS C 153 14.66 21.92 34.34
N ASN C 154 15.79 21.48 33.79
CA ASN C 154 15.80 20.30 32.92
C ASN C 154 15.37 19.05 33.70
N SER C 155 15.92 18.88 34.91
CA SER C 155 15.55 17.72 35.72
C SER C 155 14.07 17.76 36.09
N LEU C 156 13.55 18.94 36.43
CA LEU C 156 12.15 19.08 36.74
C LEU C 156 11.27 18.72 35.54
N LEU C 157 11.69 19.17 34.35
CA LEU C 157 10.94 18.84 33.14
C LEU C 157 10.93 17.33 32.90
N ARG C 158 12.08 16.68 33.09
CA ARG C 158 12.14 15.23 32.91
C ARG C 158 11.20 14.52 33.88
N VAL C 159 11.22 14.92 35.16
CA VAL C 159 10.37 14.29 36.15
C VAL C 159 8.89 14.53 35.82
N CYS C 160 8.55 15.76 35.43
CA CYS C 160 7.17 16.06 35.08
C CYS C 160 6.72 15.26 33.87
N VAL C 161 7.59 15.09 32.89
CA VAL C 161 7.24 14.31 31.71
C VAL C 161 7.02 12.85 32.07
N ARG C 162 7.87 12.31 32.95
CA ARG C 162 7.67 10.93 33.40
C ARG C 162 6.33 10.78 34.09
N ILE C 163 6.00 11.72 34.98
CA ILE C 163 4.73 11.66 35.70
C ILE C 163 3.58 11.76 34.72
N GLU C 164 3.69 12.64 33.72
CA GLU C 164 2.64 12.77 32.72
C GLU C 164 2.47 11.48 31.93
N VAL C 165 3.57 10.81 31.60
CA VAL C 165 3.49 9.54 30.89
C VAL C 165 2.77 8.50 31.74
N TRP C 166 3.09 8.44 33.03
CA TRP C 166 2.41 7.49 33.89
C TRP C 166 0.92 7.79 33.98
N LYS C 167 0.57 9.07 34.10
CA LYS C 167 -0.84 9.45 34.14
C LYS C 167 -1.54 9.08 32.83
N ALA C 168 -0.85 9.27 31.71
CA ALA C 168 -1.42 8.90 30.42
C ALA C 168 -1.67 7.40 30.34
N ARG C 169 -0.73 6.60 30.82
CA ARG C 169 -0.96 5.16 30.86
C ARG C 169 -2.16 4.82 31.74
N TYR C 170 -2.23 5.44 32.92
CA TYR C 170 -3.34 5.18 33.82
C TYR C 170 -4.67 5.50 33.17
N VAL C 171 -4.75 6.64 32.48
CA VAL C 171 -5.99 7.02 31.81
C VAL C 171 -6.31 6.08 30.68
N SER C 172 -5.28 5.69 29.91
CA SER C 172 -5.51 4.77 28.80
C SER C 172 -5.98 3.41 29.28
N LEU C 173 -5.69 3.06 30.53
CA LEU C 173 -6.12 1.77 31.08
C LEU C 173 -7.64 1.67 31.23
N VAL C 174 -8.36 2.78 31.15
CA VAL C 174 -9.81 2.75 31.31
C VAL C 174 -10.48 3.25 30.03
N ALA C 175 -9.95 4.32 29.45
CA ALA C 175 -10.48 4.90 28.23
C ALA C 175 -9.36 5.02 27.21
N LEU C 176 -9.59 4.51 26.00
CA LEU C 176 -8.56 4.43 24.97
C LEU C 176 -8.63 5.64 24.06
N ASP C 177 -7.44 6.16 23.71
CA ASP C 177 -7.36 7.22 22.72
C ASP C 177 -7.73 6.70 21.34
N GLU C 178 -8.40 7.54 20.56
CA GLU C 178 -8.89 7.15 19.25
C GLU C 178 -7.81 7.20 18.17
N ARG C 179 -6.68 7.87 18.44
CA ARG C 179 -5.60 7.91 17.46
C ARG C 179 -5.06 6.51 17.18
N ILE C 180 -5.20 5.60 18.13
CA ILE C 180 -4.71 4.24 17.99
C ILE C 180 -5.83 3.37 17.45
N GLN C 181 -5.74 3.02 16.16
CA GLN C 181 -6.69 2.13 15.51
C GLN C 181 -6.03 0.89 14.94
N THR C 182 -4.78 1.00 14.52
CA THR C 182 -4.01 -0.13 13.99
C THR C 182 -2.73 -0.27 14.79
N LEU C 183 -2.14 -1.48 14.71
CA LEU C 183 -0.92 -1.75 15.46
C LEU C 183 0.17 -0.73 15.14
N GLU C 184 0.21 -0.24 13.90
CA GLU C 184 1.23 0.75 13.55
C GLU C 184 1.07 2.01 14.38
N ASP C 185 -0.16 2.48 14.56
CA ASP C 185 -0.38 3.66 15.41
C ASP C 185 -0.14 3.33 16.87
N ALA C 186 -0.57 2.15 17.31
CA ALA C 186 -0.34 1.72 18.69
C ALA C 186 1.12 1.64 19.04
N GLN C 187 2.00 1.45 18.05
CA GLN C 187 3.42 1.29 18.32
C GLN C 187 4.05 2.54 18.90
N TRP C 188 3.45 3.72 18.69
CA TRP C 188 4.05 4.98 19.10
C TRP C 188 3.42 5.55 20.36
N PHE C 189 2.52 4.82 21.01
CA PHE C 189 1.98 5.27 22.28
C PHE C 189 3.08 5.27 23.33
N PRO C 190 3.12 6.27 24.23
CA PRO C 190 2.24 7.43 24.37
C PRO C 190 2.50 8.54 23.34
N TYR C 191 1.51 9.39 23.13
CA TYR C 191 1.60 10.51 22.19
C TYR C 191 1.67 11.80 23.01
N LEU C 192 2.87 12.36 23.13
CA LEU C 192 3.10 13.57 23.90
C LEU C 192 3.81 14.61 23.04
N SER C 193 3.82 15.84 23.55
CA SER C 193 4.37 16.96 22.81
C SER C 193 5.88 16.79 22.59
N GLY C 194 6.46 17.71 21.84
CA GLY C 194 7.88 17.63 21.54
C GLY C 194 8.75 17.81 22.77
N ASP C 195 8.33 18.69 23.69
CA ASP C 195 9.11 18.88 24.92
C ASP C 195 9.20 17.59 25.71
N SER C 196 8.11 16.84 25.78
CA SER C 196 8.12 15.57 26.51
C SER C 196 9.12 14.60 25.89
N TYR C 197 9.12 14.48 24.56
CA TYR C 197 10.06 13.58 23.91
C TYR C 197 11.50 14.05 24.13
N ARG C 198 11.73 15.36 24.06
CA ARG C 198 13.08 15.88 24.25
C ARG C 198 13.58 15.59 25.67
N ALA C 199 12.71 15.74 26.66
CA ALA C 199 13.13 15.54 28.05
C ALA C 199 13.57 14.10 28.29
N CYS C 200 12.73 13.13 27.93
CA CYS C 200 13.01 11.71 28.14
C CYS C 200 12.73 10.96 26.85
N PRO C 201 13.65 11.03 25.87
CA PRO C 201 13.41 10.32 24.61
C PRO C 201 13.23 8.82 24.78
N GLY C 202 13.81 8.24 25.83
CA GLY C 202 13.72 6.80 26.00
C GLY C 202 12.31 6.29 26.17
N LEU C 203 11.46 7.04 26.87
CA LEU C 203 10.12 6.60 27.22
C LEU C 203 9.02 7.24 26.39
N VAL C 204 9.10 8.55 26.16
CA VAL C 204 8.07 9.25 25.42
C VAL C 204 8.15 8.86 23.95
N GLY C 205 6.99 8.83 23.30
CA GLY C 205 6.91 8.53 21.88
C GLY C 205 6.29 9.67 21.10
N GLY C 206 5.18 9.39 20.43
CA GLY C 206 4.42 10.43 19.76
C GLY C 206 4.96 10.78 18.39
N TYR C 207 4.49 11.90 17.87
CA TYR C 207 4.87 12.34 16.54
C TYR C 207 6.38 12.57 16.44
N PHE C 208 6.97 13.17 17.47
CA PHE C 208 8.40 13.47 17.42
C PHE C 208 9.23 12.19 17.43
N ALA C 209 8.81 11.18 18.18
CA ALA C 209 9.51 9.90 18.13
C ALA C 209 9.37 9.27 16.75
N LYS C 210 8.19 9.38 16.14
CA LYS C 210 8.01 8.87 14.78
C LYS C 210 8.96 9.56 13.82
N LYS C 211 9.12 10.88 13.94
CA LYS C 211 10.06 11.63 13.11
C LYS C 211 11.50 11.23 13.36
N ALA C 212 11.89 11.04 14.63
CA ALA C 212 13.25 10.67 14.94
C ALA C 212 13.58 9.27 14.41
N ALA C 213 12.59 8.38 14.39
CA ALA C 213 12.81 7.06 13.82
C ALA C 213 13.22 7.14 12.36
N ALA C 214 12.64 8.09 11.62
CA ALA C 214 12.97 8.27 10.21
C ALA C 214 14.18 9.18 10.00
N GLY C 215 14.70 9.77 11.06
CA GLY C 215 15.83 10.67 10.93
C GLY C 215 17.13 9.98 10.57
N GLU C 216 17.76 9.33 11.54
CA GLU C 216 19.00 8.59 11.31
C GLU C 216 19.40 7.91 12.62
N ARG C 217 20.41 7.07 12.53
CA ARG C 217 20.85 6.23 13.64
C ARG C 217 22.25 6.62 14.07
N GLY C 218 22.45 6.71 15.38
CA GLY C 218 23.74 7.10 15.91
C GLY C 218 23.83 6.72 17.37
N LYS C 219 24.91 7.19 18.01
CA LYS C 219 25.12 6.87 19.41
C LYS C 219 24.03 7.45 20.29
N ASN C 220 23.60 8.68 20.02
CA ASN C 220 22.55 9.32 20.81
C ASN C 220 21.20 8.65 20.63
N TYR C 221 21.02 7.88 19.56
CA TYR C 221 19.73 7.27 19.27
C TYR C 221 19.33 6.28 20.36
N LYS C 222 18.17 6.51 20.99
CA LYS C 222 17.63 5.64 22.02
C LYS C 222 16.33 5.01 21.53
N LYS C 223 16.22 3.70 21.71
CA LYS C 223 15.05 2.96 21.25
C LYS C 223 13.89 3.14 22.24
N LEU C 224 12.70 3.36 21.68
CA LEU C 224 11.52 3.58 22.50
C LEU C 224 11.18 2.33 23.31
N ASN C 225 10.89 2.52 24.59
CA ASN C 225 10.53 1.43 25.51
C ASN C 225 9.16 1.78 26.09
N GLN C 226 8.11 1.27 25.44
CA GLN C 226 6.76 1.62 25.85
C GLN C 226 6.40 1.07 27.21
N THR C 227 7.11 0.05 27.69
CA THR C 227 6.75 -0.66 28.91
C THR C 227 7.90 -0.66 29.91
N ALA C 228 8.49 0.50 30.15
CA ALA C 228 9.51 0.63 31.17
C ALA C 228 8.85 0.80 32.55
N ILE C 229 9.51 0.25 33.57
CA ILE C 229 8.97 0.29 34.92
C ILE C 229 9.08 1.71 35.44
N ILE C 230 7.94 2.36 35.66
CA ILE C 230 7.86 3.70 36.23
C ILE C 230 7.12 3.57 37.56
N PRO C 231 7.76 3.84 38.70
CA PRO C 231 7.04 3.80 39.98
C PRO C 231 5.90 4.80 39.97
N PRO C 232 4.79 4.49 40.66
CA PRO C 232 3.69 5.45 40.72
C PRO C 232 4.17 6.80 41.24
N PRO C 233 3.45 7.89 40.94
CA PRO C 233 3.92 9.21 41.36
C PRO C 233 4.22 9.29 42.85
N ARG C 234 3.42 8.61 43.67
CA ARG C 234 3.69 8.56 45.11
C ARG C 234 4.99 7.82 45.43
N PHE C 235 5.52 7.03 44.50
CA PHE C 235 6.79 6.37 44.69
C PHE C 235 7.94 7.06 43.97
N LEU C 236 7.66 7.76 42.88
CA LEU C 236 8.73 8.35 42.09
C LEU C 236 9.35 9.55 42.80
N ILE C 237 8.53 10.44 43.36
CA ILE C 237 9.04 11.66 43.96
C ILE C 237 9.85 11.41 45.22
N ILE C 238 9.77 10.21 45.79
CA ILE C 238 10.51 9.85 46.98
C ILE C 238 11.56 8.79 46.70
N GLY C 239 11.79 8.46 45.43
CA GLY C 239 12.80 7.47 45.08
C GLY C 239 12.50 6.08 45.61
N HIS C 240 11.24 5.66 45.54
CA HIS C 240 10.82 4.34 46.00
C HIS C 240 10.71 3.44 44.77
N ARG C 241 11.84 2.88 44.37
CA ARG C 241 11.86 2.00 43.21
C ARG C 241 10.88 0.85 43.42
N LEU C 242 10.06 0.57 42.40
CA LEU C 242 9.08 -0.50 42.51
C LEU C 242 9.79 -1.84 42.71
N GLN C 243 9.28 -2.63 43.65
CA GLN C 243 9.88 -3.92 43.95
C GLN C 243 8.80 -4.84 44.50
N ILE C 244 9.09 -6.15 44.45
CA ILE C 244 8.14 -7.14 44.95
C ILE C 244 7.94 -6.92 46.45
N GLY C 245 6.68 -7.00 46.88
CA GLY C 245 6.34 -6.80 48.27
C GLY C 245 5.86 -5.40 48.61
N ASP C 246 5.58 -4.56 47.63
CA ASP C 246 5.11 -3.20 47.85
C ASP C 246 3.60 -3.16 47.63
N GLN C 247 2.89 -2.51 48.56
CA GLN C 247 1.44 -2.40 48.44
C GLN C 247 1.08 -1.38 47.38
N VAL C 248 0.36 -1.82 46.35
CA VAL C 248 -0.01 -0.96 45.23
C VAL C 248 -1.34 -1.46 44.66
N THR C 249 -2.14 -0.52 44.17
CA THR C 249 -3.40 -0.87 43.53
C THR C 249 -3.15 -1.64 42.23
N LEU C 250 -4.09 -2.51 41.88
CA LEU C 250 -3.98 -3.26 40.65
C LEU C 250 -3.82 -2.34 39.45
N ARG C 251 -4.66 -1.30 39.39
CA ARG C 251 -4.53 -0.32 38.31
C ARG C 251 -3.19 0.40 38.40
N GLU C 252 -2.75 0.71 39.61
CA GLU C 252 -1.45 1.37 39.77
C GLU C 252 -0.33 0.54 39.18
N LEU C 253 -0.29 -0.75 39.55
CA LEU C 253 0.78 -1.62 39.04
C LEU C 253 0.66 -1.80 37.53
N LEU C 254 -0.56 -2.00 37.02
CA LEU C 254 -0.74 -2.16 35.59
C LEU C 254 -0.25 -0.94 34.82
N ALA C 255 -0.59 0.26 35.32
CA ALA C 255 -0.09 1.47 34.69
C ALA C 255 1.42 1.57 34.78
N SER C 256 2.00 1.20 35.92
CA SER C 256 3.43 1.35 36.12
C SER C 256 4.27 0.33 35.34
N ILE C 257 3.68 -0.77 34.90
CA ILE C 257 4.45 -1.80 34.19
C ILE C 257 3.79 -2.16 32.87
N ALA C 258 2.75 -1.44 32.48
CA ALA C 258 2.05 -1.73 31.23
C ALA C 258 1.07 -0.59 30.98
N TRP C 259 0.25 -0.73 29.93
CA TRP C 259 -0.77 0.24 29.61
C TRP C 259 -2.02 -0.49 29.14
N GLY C 260 -2.96 0.26 28.58
CA GLY C 260 -4.30 -0.27 28.37
C GLY C 260 -4.35 -1.41 27.38
N LEU C 261 -3.57 -1.33 26.30
CA LEU C 261 -3.66 -2.30 25.22
C LEU C 261 -2.70 -3.47 25.37
N CYS C 262 -1.95 -3.54 26.47
CA CYS C 262 -1.04 -4.64 26.69
C CYS C 262 -1.82 -5.93 26.93
N ASP C 263 -1.07 -7.02 27.10
CA ASP C 263 -1.70 -8.32 27.36
C ASP C 263 -2.21 -8.41 28.80
N GLY C 264 -3.35 -9.07 28.96
CA GLY C 264 -3.95 -9.19 30.28
C GLY C 264 -3.19 -10.10 31.21
N VAL C 265 -2.30 -10.94 30.68
CA VAL C 265 -1.55 -11.86 31.51
C VAL C 265 -0.73 -11.11 32.55
N LEU C 266 -0.39 -9.84 32.30
CA LEU C 266 0.36 -9.06 33.28
C LEU C 266 -0.36 -8.94 34.60
N ALA C 267 -1.69 -9.13 34.61
CA ALA C 267 -2.44 -9.10 35.86
C ALA C 267 -1.94 -10.14 36.85
N GLU C 268 -1.23 -11.16 36.37
CA GLU C 268 -0.65 -12.17 37.26
C GLU C 268 0.34 -11.56 38.24
N CYS C 269 0.89 -10.38 37.97
CA CYS C 269 1.91 -9.78 38.81
C CYS C 269 1.34 -9.16 40.09
N TRP C 270 0.02 -9.08 40.22
CA TRP C 270 -0.61 -8.43 41.36
C TRP C 270 -1.51 -9.43 42.08
N SER C 271 -1.44 -9.45 43.41
CA SER C 271 -2.26 -10.32 44.23
C SER C 271 -3.03 -9.47 45.23
N PRO C 272 -4.35 -9.61 45.33
CA PRO C 272 -5.11 -8.75 46.24
C PRO C 272 -4.80 -9.04 47.70
N SER C 273 -5.43 -8.28 48.60
CA SER C 273 -5.27 -8.42 50.03
C SER C 273 -6.64 -8.71 50.66
N GLN C 274 -6.68 -8.71 51.99
CA GLN C 274 -7.92 -8.95 52.71
C GLN C 274 -9.01 -8.01 52.22
N GLY C 275 -10.05 -8.58 51.61
CA GLY C 275 -11.11 -7.76 51.06
C GLY C 275 -10.65 -6.82 49.98
N ASP C 276 -9.61 -7.18 49.24
CA ASP C 276 -9.01 -6.34 48.19
C ASP C 276 -9.06 -4.86 48.56
N GLY C 277 -10.21 -4.23 48.40
CA GLY C 277 -10.34 -2.82 48.73
C GLY C 277 -9.44 -1.92 47.92
N SER C 278 -9.21 -2.25 46.65
CA SER C 278 -8.37 -1.45 45.76
C SER C 278 -6.93 -1.39 46.26
N ILE C 279 -6.53 -2.39 47.04
CA ILE C 279 -5.16 -2.49 47.53
C ILE C 279 -4.73 -3.95 47.46
N GLY C 280 -3.48 -4.17 47.11
CA GLY C 280 -2.93 -5.51 47.03
C GLY C 280 -1.43 -5.47 47.23
N VAL C 281 -0.73 -6.39 46.57
CA VAL C 281 0.72 -6.48 46.67
C VAL C 281 1.27 -7.02 45.36
N VAL C 282 2.48 -6.57 45.02
CA VAL C 282 3.19 -7.05 43.84
C VAL C 282 3.87 -8.36 44.19
N VAL C 283 3.58 -9.39 43.40
CA VAL C 283 4.20 -10.69 43.58
C VAL C 283 5.36 -10.92 42.61
N GLY C 284 5.42 -10.18 41.51
CA GLY C 284 6.51 -10.31 40.57
C GLY C 284 6.44 -9.22 39.54
N LEU C 285 7.47 -9.16 38.69
CA LEU C 285 7.56 -8.14 37.66
C LEU C 285 7.87 -8.80 36.32
N PRO C 286 7.33 -8.32 35.20
CA PRO C 286 7.78 -8.84 33.90
C PRO C 286 9.19 -8.38 33.60
N LEU C 287 9.90 -9.15 32.79
CA LEU C 287 11.25 -8.76 32.39
C LEU C 287 11.19 -7.43 31.64
N GLN C 288 12.35 -6.80 31.41
CA GLN C 288 12.38 -5.48 30.80
C GLN C 288 11.99 -5.57 29.33
N ALA C 289 11.77 -6.78 28.81
CA ALA C 289 11.19 -6.96 27.50
C ALA C 289 12.04 -6.31 26.40
N THR C 290 13.25 -6.82 26.19
CA THR C 290 14.10 -6.28 25.14
C THR C 290 13.55 -6.66 23.77
N GLY C 291 13.54 -7.95 23.47
CA GLY C 291 12.88 -8.41 22.26
C GLY C 291 13.78 -8.39 21.04
N SER C 292 14.03 -9.55 20.44
CA SER C 292 14.76 -9.59 19.19
C SER C 292 13.89 -10.17 18.09
N CYS C 293 14.13 -9.71 16.86
CA CYS C 293 13.37 -10.16 15.72
C CYS C 293 13.99 -11.42 15.13
N PHE C 294 13.21 -12.51 15.09
CA PHE C 294 13.69 -13.78 14.60
C PHE C 294 13.21 -14.09 13.19
N LEU C 295 12.84 -13.07 12.43
CA LEU C 295 12.40 -13.29 11.06
C LEU C 295 13.56 -13.82 10.23
N VAL C 296 13.20 -14.52 9.15
CA VAL C 296 14.16 -14.88 8.12
C VAL C 296 13.51 -14.68 6.76
N VAL C 297 13.77 -13.53 6.14
CA VAL C 297 13.09 -13.21 4.88
C VAL C 297 13.60 -14.13 3.78
N ALA C 298 12.70 -14.49 2.88
CA ALA C 298 13.04 -15.38 1.78
C ALA C 298 14.12 -14.76 0.92
N SER C 299 14.99 -15.60 0.37
CA SER C 299 16.07 -15.13 -0.48
C SER C 299 16.66 -16.31 -1.23
N HIS C 300 16.99 -16.11 -2.50
CA HIS C 300 17.63 -17.13 -3.32
C HIS C 300 16.83 -18.42 -3.31
N GLY C 301 15.51 -18.30 -3.37
CA GLY C 301 14.64 -19.45 -3.44
C GLY C 301 14.25 -20.06 -2.12
N LEU C 302 14.91 -19.69 -1.02
CA LEU C 302 14.54 -20.24 0.27
C LEU C 302 13.19 -19.65 0.71
N SER C 303 12.51 -20.39 1.58
CA SER C 303 11.18 -20.01 2.02
C SER C 303 11.25 -19.08 3.23
N ALA C 304 10.39 -18.07 3.22
CA ALA C 304 10.34 -17.12 4.32
C ALA C 304 9.86 -17.81 5.60
N ILE C 305 10.45 -17.41 6.72
CA ILE C 305 10.09 -17.92 8.04
C ILE C 305 9.59 -16.76 8.88
N ALA C 306 8.40 -16.92 9.44
CA ALA C 306 7.83 -15.88 10.31
C ALA C 306 8.46 -15.87 11.69
N ASP C 307 9.11 -16.95 12.11
CA ASP C 307 9.76 -17.00 13.41
C ASP C 307 10.71 -18.19 13.42
N SER C 308 11.99 -17.93 13.67
CA SER C 308 12.97 -19.01 13.63
C SER C 308 12.73 -20.02 14.76
N ARG C 309 12.46 -19.54 15.97
CA ARG C 309 12.34 -20.44 17.12
C ARG C 309 11.18 -21.41 16.95
N ILE C 310 10.03 -20.90 16.51
CA ILE C 310 8.82 -21.72 16.48
C ILE C 310 8.98 -22.94 15.58
N GLU C 311 9.86 -22.87 14.59
CA GLU C 311 10.05 -24.01 13.69
C GLU C 311 10.44 -25.26 14.48
N GLY C 312 9.84 -26.38 14.12
CA GLY C 312 10.10 -27.65 14.78
C GLY C 312 9.01 -28.02 15.75
N ASN C 317 -1.57 -22.35 18.37
CA ASN C 317 -0.27 -21.98 18.91
C ASN C 317 -0.19 -20.48 19.14
N LEU C 318 -1.00 -19.72 18.41
CA LEU C 318 -1.00 -18.27 18.57
C LEU C 318 -1.43 -17.87 19.97
N LEU C 319 -2.45 -18.55 20.51
CA LEU C 319 -2.92 -18.26 21.86
C LEU C 319 -2.10 -18.97 22.94
N GLU C 320 -1.14 -19.80 22.55
CA GLU C 320 -0.32 -20.53 23.50
C GLU C 320 0.90 -19.75 23.98
N GLU C 321 1.13 -18.56 23.43
CA GLU C 321 2.30 -17.77 23.79
C GLU C 321 2.28 -17.42 25.27
N CYS C 322 3.47 -17.36 25.86
CA CYS C 322 3.63 -17.12 27.29
C CYS C 322 4.59 -15.97 27.53
N ILE C 323 4.43 -15.32 28.68
CA ILE C 323 5.29 -14.22 29.10
C ILE C 323 6.17 -14.70 30.26
N ALA C 324 7.33 -14.08 30.38
CA ALA C 324 8.27 -14.40 31.45
C ALA C 324 8.14 -13.38 32.57
N ILE C 325 7.83 -13.86 33.76
CA ILE C 325 7.69 -13.04 34.95
C ILE C 325 8.75 -13.45 35.96
N GLN C 326 9.57 -12.49 36.38
CA GLN C 326 10.53 -12.73 37.44
C GLN C 326 9.85 -12.52 38.79
N LYS C 327 9.86 -13.54 39.62
CA LYS C 327 9.29 -13.52 40.96
C LYS C 327 10.40 -13.56 41.99
N GLN C 328 10.02 -13.61 43.26
CA GLN C 328 11.00 -13.73 44.33
C GLN C 328 11.84 -14.98 44.18
N ASP C 329 11.28 -16.04 43.58
CA ASP C 329 11.99 -17.30 43.40
C ASP C 329 12.75 -17.32 42.07
N GLY C 330 12.05 -17.16 40.96
CA GLY C 330 12.70 -17.22 39.66
C GLY C 330 11.72 -16.94 38.55
N VAL C 331 12.24 -16.95 37.33
CA VAL C 331 11.44 -16.66 36.16
C VAL C 331 10.43 -17.78 35.92
N ILE C 332 9.19 -17.40 35.60
CA ILE C 332 8.13 -18.34 35.29
C ILE C 332 7.47 -17.92 34.00
N LYS C 333 6.85 -18.88 33.32
CA LYS C 333 6.16 -18.66 32.07
C LYS C 333 4.65 -18.72 32.32
N CYS C 334 3.95 -17.64 32.00
CA CYS C 334 2.52 -17.54 32.19
C CYS C 334 1.84 -17.40 30.83
N LYS C 335 0.87 -18.27 30.55
CA LYS C 335 0.19 -18.26 29.27
C LYS C 335 -0.59 -16.97 29.08
N ARG C 336 -0.65 -16.49 27.84
CA ARG C 336 -1.35 -15.25 27.54
C ARG C 336 -2.86 -15.45 27.62
N SER C 337 -3.56 -14.35 27.88
CA SER C 337 -5.02 -14.40 27.97
C SER C 337 -5.69 -14.22 26.61
N GLY C 338 -5.07 -13.50 25.68
CA GLY C 338 -5.62 -13.30 24.36
C GLY C 338 -6.52 -12.08 24.22
N LYS C 339 -6.80 -11.38 25.31
CA LYS C 339 -7.64 -10.20 25.29
C LYS C 339 -6.86 -9.00 25.82
N SER C 340 -7.14 -7.82 25.27
CA SER C 340 -6.46 -6.62 25.70
C SER C 340 -6.80 -6.31 27.16
N LEU C 341 -5.88 -5.64 27.85
CA LEU C 341 -6.10 -5.30 29.25
C LEU C 341 -7.35 -4.45 29.42
N TYR C 342 -7.61 -3.55 28.47
CA TYR C 342 -8.79 -2.69 28.57
C TYR C 342 -10.05 -3.52 28.62
N HIS C 343 -10.22 -4.46 27.69
CA HIS C 343 -11.43 -5.28 27.66
C HIS C 343 -11.51 -6.18 28.88
N CYS C 344 -10.37 -6.72 29.33
CA CYS C 344 -10.36 -7.55 30.52
C CYS C 344 -10.86 -6.77 31.73
N LEU C 345 -10.33 -5.55 31.92
CA LEU C 345 -10.76 -4.73 33.05
C LEU C 345 -12.23 -4.37 32.92
N LYS C 346 -12.68 -4.02 31.72
CA LYS C 346 -14.08 -3.66 31.53
C LYS C 346 -14.99 -4.83 31.89
N GLU C 347 -14.65 -6.03 31.44
CA GLU C 347 -15.45 -7.20 31.77
C GLU C 347 -15.42 -7.50 33.26
N THR C 348 -14.24 -7.35 33.89
CA THR C 348 -14.15 -7.61 35.31
C THR C 348 -15.00 -6.65 36.12
N ALA C 349 -15.04 -5.38 35.69
CA ALA C 349 -15.84 -4.38 36.41
C ALA C 349 -17.31 -4.76 36.40
N GLY C 350 -17.81 -5.22 35.25
CA GLY C 350 -19.21 -5.63 35.14
C GLY C 350 -19.46 -6.51 33.93
N GLU D 34 -36.17 30.49 2.99
CA GLU D 34 -37.04 29.34 3.19
C GLU D 34 -36.21 28.06 3.28
N LEU D 35 -35.20 27.95 2.45
CA LEU D 35 -34.34 26.78 2.37
C LEU D 35 -32.89 27.22 2.46
N PRO D 36 -31.99 26.35 2.92
CA PRO D 36 -30.57 26.70 2.98
C PRO D 36 -30.04 27.07 1.60
N ARG D 37 -28.80 27.54 1.59
CA ARG D 37 -28.18 27.96 0.33
C ARG D 37 -28.04 26.80 -0.64
N ASN D 38 -27.64 25.62 -0.14
CA ASN D 38 -27.32 24.51 -1.02
C ASN D 38 -28.54 24.07 -1.82
N LEU D 39 -29.64 23.79 -1.13
CA LEU D 39 -30.84 23.31 -1.83
C LEU D 39 -31.38 24.38 -2.77
N GLU D 40 -31.32 25.65 -2.35
CA GLU D 40 -31.79 26.72 -3.21
C GLU D 40 -31.00 26.78 -4.51
N VAL D 41 -29.67 26.73 -4.41
CA VAL D 41 -28.84 26.79 -5.61
C VAL D 41 -29.09 25.57 -6.48
N PHE D 42 -29.24 24.39 -5.87
CA PHE D 42 -29.50 23.20 -6.66
C PHE D 42 -30.82 23.31 -7.41
N ASN D 43 -31.88 23.76 -6.72
CA ASN D 43 -33.16 23.90 -7.38
C ASN D 43 -33.09 24.92 -8.51
N GLU D 44 -32.42 26.04 -8.27
CA GLU D 44 -32.30 27.06 -9.31
C GLU D 44 -31.57 26.51 -10.53
N ALA D 45 -30.45 25.82 -10.31
CA ALA D 45 -29.67 25.30 -11.42
C ALA D 45 -30.45 24.25 -12.20
N CYS D 46 -31.13 23.34 -11.49
CA CYS D 46 -31.88 22.30 -12.17
C CYS D 46 -33.02 22.90 -12.99
N GLY D 47 -33.74 23.89 -12.41
CA GLY D 47 -34.80 24.53 -13.16
C GLY D 47 -34.28 25.26 -14.39
N HIS D 48 -33.15 25.95 -14.23
CA HIS D 48 -32.58 26.70 -15.35
C HIS D 48 -32.12 25.77 -16.47
N VAL D 49 -31.50 24.65 -16.12
CA VAL D 49 -30.88 23.80 -17.12
C VAL D 49 -31.89 22.84 -17.74
N PHE D 50 -32.94 22.46 -17.02
CA PHE D 50 -33.91 21.49 -17.51
C PHE D 50 -35.31 22.08 -17.66
N GLY D 51 -35.46 23.39 -17.44
CA GLY D 51 -36.76 24.00 -17.65
C GLY D 51 -37.83 23.36 -16.80
N SER D 52 -38.96 23.05 -17.44
CA SER D 52 -40.10 22.44 -16.77
C SER D 52 -40.09 20.92 -16.83
N SER D 53 -39.14 20.32 -17.54
CA SER D 53 -39.09 18.88 -17.67
C SER D 53 -38.50 18.19 -16.45
N PHE D 54 -37.98 18.94 -15.49
CA PHE D 54 -37.42 18.36 -14.28
C PHE D 54 -38.54 18.01 -13.32
N ASN D 55 -38.73 16.71 -13.06
CA ASN D 55 -39.70 16.27 -12.07
C ASN D 55 -39.09 16.41 -10.68
N ARG D 56 -39.90 16.85 -9.71
CA ARG D 56 -39.43 17.05 -8.35
C ARG D 56 -39.91 15.95 -7.40
N GLU D 57 -40.36 14.82 -7.92
CA GLU D 57 -40.85 13.72 -7.08
C GLU D 57 -40.41 12.36 -7.59
N ASP D 58 -39.34 12.29 -8.39
CA ASP D 58 -38.82 11.03 -8.90
C ASP D 58 -37.33 10.96 -8.60
N ASN D 59 -36.91 9.85 -7.97
CA ASN D 59 -35.51 9.70 -7.60
C ASN D 59 -34.61 9.64 -8.83
N SER D 60 -35.02 8.88 -9.85
CA SER D 60 -34.17 8.71 -11.03
C SER D 60 -33.95 10.02 -11.76
N VAL D 61 -35.01 10.82 -11.92
CA VAL D 61 -34.87 12.09 -12.66
C VAL D 61 -33.95 13.03 -11.91
N ILE D 62 -34.14 13.15 -10.59
CA ILE D 62 -33.26 14.02 -9.80
C ILE D 62 -31.82 13.53 -9.88
N SER D 63 -31.63 12.21 -9.82
CA SER D 63 -30.27 11.67 -9.89
C SER D 63 -29.62 11.99 -11.23
N ASP D 64 -30.37 11.83 -12.32
CA ASP D 64 -29.82 12.14 -13.63
C ASP D 64 -29.47 13.62 -13.73
N ALA D 65 -30.35 14.49 -13.24
CA ALA D 65 -30.06 15.92 -13.30
C ALA D 65 -28.82 16.27 -12.50
N ALA D 66 -28.69 15.68 -11.30
CA ALA D 66 -27.52 15.97 -10.47
C ALA D 66 -26.25 15.47 -11.12
N ALA D 67 -26.28 14.26 -11.70
CA ALA D 67 -25.09 13.74 -12.36
C ALA D 67 -24.70 14.62 -13.54
N PHE D 68 -25.68 15.04 -14.35
CA PHE D 68 -25.39 15.90 -15.48
C PHE D 68 -24.79 17.22 -15.03
N LEU D 69 -25.37 17.83 -13.99
CA LEU D 69 -24.85 19.09 -13.48
C LEU D 69 -23.43 18.93 -12.95
N PHE D 70 -23.17 17.84 -12.23
CA PHE D 70 -21.82 17.60 -11.74
C PHE D 70 -20.84 17.45 -12.89
N LYS D 71 -21.24 16.72 -13.93
CA LYS D 71 -20.39 16.65 -15.12
C LYS D 71 -20.11 18.04 -15.66
N MET D 72 -21.10 18.93 -15.59
CA MET D 72 -20.95 20.28 -16.10
C MET D 72 -20.01 21.15 -15.28
N HIS D 73 -19.65 20.75 -14.07
CA HIS D 73 -18.87 21.61 -13.17
C HIS D 73 -17.44 21.15 -12.95
N THR D 74 -17.08 19.93 -13.33
CA THR D 74 -15.70 19.46 -13.22
C THR D 74 -14.89 19.69 -14.48
N HIS D 75 -15.48 20.33 -15.50
CA HIS D 75 -14.83 20.50 -16.80
C HIS D 75 -14.55 19.15 -17.44
N SER D 76 -15.61 18.36 -17.56
CA SER D 76 -15.53 17.02 -18.13
C SER D 76 -16.33 16.83 -19.40
N LEU D 77 -17.31 17.71 -19.67
CA LEU D 77 -18.09 17.60 -20.89
C LEU D 77 -17.24 17.98 -22.11
N ASP D 78 -17.63 17.44 -23.26
CA ASP D 78 -16.93 17.77 -24.49
C ASP D 78 -17.02 19.26 -24.78
N GLY D 79 -15.93 19.82 -25.28
CA GLY D 79 -15.88 21.25 -25.57
C GLY D 79 -15.53 22.12 -24.38
N GLN D 80 -14.97 21.56 -23.32
CA GLN D 80 -14.55 22.32 -22.15
C GLN D 80 -13.02 22.34 -22.08
N GLU D 81 -12.51 23.21 -21.21
CA GLU D 81 -11.08 23.45 -21.12
C GLU D 81 -10.36 22.15 -20.78
N ALA D 82 -9.25 21.90 -21.47
CA ALA D 82 -8.48 20.69 -21.26
C ALA D 82 -7.69 20.75 -19.96
N LYS D 83 -7.31 19.57 -19.46
CA LYS D 83 -6.51 19.44 -18.25
C LYS D 83 -5.11 18.99 -18.65
N VAL D 84 -4.18 19.94 -18.72
CA VAL D 84 -2.82 19.67 -19.20
C VAL D 84 -1.75 20.23 -18.29
N LEU D 85 -2.08 20.60 -17.05
CA LEU D 85 -1.06 21.18 -16.16
C LEU D 85 0.09 20.21 -15.94
N ARG D 86 -0.22 18.96 -15.61
CA ARG D 86 0.80 17.94 -15.38
C ARG D 86 0.36 16.63 -16.03
N ALA D 87 -0.24 16.74 -17.22
CA ALA D 87 -0.82 15.60 -17.89
C ALA D 87 0.23 14.81 -18.66
N SER D 88 0.16 13.49 -18.55
CA SER D 88 1.02 12.63 -19.35
C SER D 88 0.58 12.65 -20.81
N GLU D 89 1.51 12.27 -21.69
CA GLU D 89 1.27 12.39 -23.12
C GLU D 89 -0.06 11.75 -23.52
N LYS D 90 -0.36 10.57 -22.99
CA LYS D 90 -1.66 9.96 -23.26
C LYS D 90 -2.78 10.83 -22.73
N LYS D 91 -2.63 11.37 -21.52
CA LYS D 91 -3.64 12.27 -20.98
C LYS D 91 -3.76 13.54 -21.81
N ARG D 92 -2.63 14.06 -22.28
CA ARG D 92 -2.67 15.22 -23.17
C ARG D 92 -3.50 14.91 -24.42
N GLU D 93 -3.26 13.74 -25.02
CA GLU D 93 -4.02 13.37 -26.21
C GLU D 93 -5.50 13.25 -25.90
N ARG D 94 -5.84 12.59 -24.79
CA ARG D 94 -7.25 12.43 -24.43
C ARG D 94 -7.92 13.76 -24.21
N GLU D 95 -7.26 14.67 -23.49
CA GLU D 95 -7.87 15.97 -23.20
C GLU D 95 -7.98 16.81 -24.46
N ASN D 96 -6.99 16.73 -25.35
CA ASN D 96 -7.08 17.46 -26.61
C ASN D 96 -8.23 16.93 -27.46
N ALA D 97 -8.41 15.61 -27.50
CA ALA D 97 -9.53 15.05 -28.23
C ALA D 97 -10.86 15.50 -27.62
N LYS D 98 -10.94 15.53 -26.29
CA LYS D 98 -12.15 16.00 -25.63
C LYS D 98 -12.44 17.45 -26.00
N LYS D 99 -11.41 18.30 -25.96
CA LYS D 99 -11.59 19.71 -26.29
C LYS D 99 -12.04 19.88 -27.74
N SER D 100 -11.44 19.13 -28.66
CA SER D 100 -11.77 19.29 -30.07
C SER D 100 -13.20 18.89 -30.36
N ARG D 101 -13.72 17.87 -29.68
CA ARG D 101 -15.06 17.37 -29.97
C ARG D 101 -16.10 18.42 -29.64
N LYS D 102 -17.19 18.40 -30.42
CA LYS D 102 -18.27 19.35 -30.22
C LYS D 102 -18.93 19.14 -28.87
N ALA D 103 -19.34 20.25 -28.25
CA ALA D 103 -20.04 20.17 -26.97
C ALA D 103 -21.47 19.71 -27.19
N PRO D 104 -22.13 19.22 -26.14
CA PRO D 104 -23.52 18.78 -26.28
C PRO D 104 -24.41 19.90 -26.79
N GLU D 105 -25.37 19.55 -27.64
CA GLU D 105 -26.25 20.52 -28.26
C GLU D 105 -27.52 20.69 -27.44
N ALA D 106 -28.25 21.78 -27.72
CA ALA D 106 -29.49 22.08 -27.03
C ALA D 106 -30.59 21.13 -27.48
N GLY D 107 -31.68 21.04 -26.71
CA GLY D 107 -32.77 20.15 -27.04
C GLY D 107 -32.36 18.69 -26.96
N MET D 108 -31.21 18.44 -26.32
CA MET D 108 -30.71 17.07 -26.23
C MET D 108 -31.41 16.33 -25.10
N ARG D 109 -31.77 15.07 -25.37
CA ARG D 109 -32.39 14.21 -24.38
C ARG D 109 -31.32 13.69 -23.42
N VAL D 110 -31.57 13.83 -22.12
CA VAL D 110 -30.66 13.38 -21.08
C VAL D 110 -31.41 12.39 -20.20
N GLY D 111 -30.75 11.28 -19.86
CA GLY D 111 -31.39 10.28 -19.03
C GLY D 111 -32.63 9.74 -19.71
N ARG D 112 -33.74 9.71 -18.98
CA ARG D 112 -35.01 9.14 -19.45
C ARG D 112 -36.04 10.20 -19.77
N SER D 113 -36.24 11.18 -18.89
CA SER D 113 -37.29 12.18 -19.06
C SER D 113 -36.76 13.57 -18.76
N LEU D 114 -35.55 13.89 -19.25
CA LEU D 114 -34.97 15.21 -19.08
C LEU D 114 -34.52 15.72 -20.44
N ILE D 115 -34.94 16.93 -20.79
CA ILE D 115 -34.61 17.55 -22.07
C ILE D 115 -34.00 18.92 -21.77
N LEU D 116 -32.84 19.18 -22.35
CA LEU D 116 -32.17 20.46 -22.12
C LEU D 116 -32.97 21.60 -22.74
N THR D 117 -32.93 22.75 -22.09
CA THR D 117 -33.55 23.96 -22.60
C THR D 117 -32.53 24.80 -23.35
N SER D 118 -33.05 25.72 -24.17
CA SER D 118 -32.17 26.53 -25.02
C SER D 118 -31.25 27.42 -24.21
N ARG D 119 -31.55 27.68 -22.93
CA ARG D 119 -30.80 28.62 -22.11
C ARG D 119 -29.80 27.93 -21.19
N TRP D 120 -29.58 26.62 -21.37
CA TRP D 120 -28.60 25.93 -20.55
C TRP D 120 -27.18 26.44 -20.81
N THR D 121 -26.90 26.84 -22.05
CA THR D 121 -25.57 27.36 -22.36
C THR D 121 -25.30 28.65 -21.59
N GLU D 122 -26.32 29.50 -21.44
CA GLU D 122 -26.13 30.73 -20.67
C GLU D 122 -25.75 30.43 -19.22
N TYR D 123 -26.46 29.49 -18.59
CA TYR D 123 -26.12 29.12 -17.23
C TYR D 123 -24.73 28.52 -17.15
N CYS D 124 -24.37 27.67 -18.12
CA CYS D 124 -23.04 27.08 -18.12
C CYS D 124 -21.96 28.15 -18.22
N ALA D 125 -22.18 29.15 -19.08
CA ALA D 125 -21.18 30.20 -19.24
C ALA D 125 -21.15 31.14 -18.05
N THR D 126 -22.26 31.28 -17.34
CA THR D 126 -22.36 32.25 -16.26
C THR D 126 -21.89 31.69 -14.92
N CYS D 127 -22.49 30.60 -14.46
CA CYS D 127 -22.30 30.12 -13.10
C CYS D 127 -21.18 29.09 -12.97
N VAL D 128 -20.53 28.73 -14.07
CA VAL D 128 -19.47 27.72 -14.04
C VAL D 128 -18.12 28.43 -13.94
N PRO D 129 -17.36 28.23 -12.86
CA PRO D 129 -16.03 28.86 -12.79
C PRO D 129 -15.14 28.39 -13.94
N ALA D 130 -14.29 29.30 -14.41
CA ALA D 130 -13.31 28.95 -15.41
C ALA D 130 -12.33 27.92 -14.86
N LEU D 131 -11.85 27.05 -15.74
CA LEU D 131 -10.97 25.96 -15.32
C LEU D 131 -9.77 26.52 -14.58
N GLY D 132 -9.42 25.89 -13.46
CA GLY D 132 -8.34 26.34 -12.63
C GLY D 132 -8.72 27.39 -11.60
N SER D 133 -9.97 27.84 -11.59
CA SER D 133 -10.39 28.85 -10.63
C SER D 133 -10.22 28.32 -9.20
N LYS D 134 -9.63 29.14 -8.35
CA LYS D 134 -9.38 28.79 -6.95
C LYS D 134 -9.93 29.88 -6.06
N MET D 135 -10.35 29.49 -4.85
CA MET D 135 -10.93 30.47 -3.94
C MET D 135 -9.91 31.54 -3.56
N LYS D 136 -8.63 31.19 -3.51
CA LYS D 136 -7.62 32.18 -3.15
C LYS D 136 -7.59 33.33 -4.15
N VAL D 137 -7.59 33.00 -5.44
CA VAL D 137 -7.51 34.03 -6.47
C VAL D 137 -8.73 34.92 -6.43
N ILE D 138 -9.92 34.32 -6.28
CA ILE D 138 -11.14 35.11 -6.26
C ILE D 138 -11.15 36.02 -5.04
N LYS D 139 -10.74 35.50 -3.88
CA LYS D 139 -10.72 36.33 -2.68
C LYS D 139 -9.71 37.47 -2.82
N ALA D 140 -8.56 37.19 -3.44
CA ALA D 140 -7.61 38.26 -3.70
C ALA D 140 -8.21 39.32 -4.61
N SER D 141 -8.96 38.90 -5.63
CA SER D 141 -9.66 39.84 -6.49
C SER D 141 -10.68 40.65 -5.69
N GLY D 142 -11.40 40.00 -4.78
CA GLY D 142 -12.33 40.67 -3.91
C GLY D 142 -13.71 40.89 -4.48
N ASP D 143 -14.02 40.32 -5.64
CA ASP D 143 -15.33 40.51 -6.26
C ASP D 143 -16.37 39.71 -5.48
N ALA D 144 -17.37 40.41 -4.95
CA ALA D 144 -18.42 39.73 -4.19
C ALA D 144 -19.20 38.75 -5.07
N ALA D 145 -19.53 39.16 -6.29
CA ALA D 145 -20.28 38.28 -7.18
C ALA D 145 -19.48 37.03 -7.52
N MET D 146 -18.18 37.18 -7.80
CA MET D 146 -17.33 36.02 -8.08
C MET D 146 -17.27 35.09 -6.89
N ILE D 147 -17.11 35.64 -5.67
CA ILE D 147 -17.05 34.80 -4.48
C ILE D 147 -18.35 34.06 -4.28
N GLN D 148 -19.48 34.74 -4.48
CA GLN D 148 -20.77 34.08 -4.31
C GLN D 148 -20.97 32.98 -5.35
N MET D 149 -20.55 33.23 -6.59
CA MET D 149 -20.66 32.21 -7.62
C MET D 149 -19.79 31.00 -7.29
N MET D 150 -18.58 31.24 -6.79
CA MET D 150 -17.72 30.12 -6.40
C MET D 150 -18.32 29.33 -5.25
N LYS D 151 -18.89 30.02 -4.27
CA LYS D 151 -19.55 29.33 -3.16
C LYS D 151 -20.71 28.49 -3.66
N ASP D 152 -21.51 29.04 -4.57
CA ASP D 152 -22.62 28.28 -5.14
C ASP D 152 -22.12 27.07 -5.91
N HIS D 153 -21.03 27.23 -6.65
CA HIS D 153 -20.44 26.11 -7.38
C HIS D 153 -20.02 25.01 -6.41
N ASN D 154 -19.33 25.37 -5.33
CA ASN D 154 -18.91 24.36 -4.37
C ASN D 154 -20.10 23.67 -3.73
N SER D 155 -21.13 24.43 -3.37
CA SER D 155 -22.31 23.84 -2.75
C SER D 155 -23.00 22.88 -3.71
N LEU D 156 -23.14 23.27 -4.97
CA LEU D 156 -23.75 22.37 -5.95
C LEU D 156 -22.90 21.14 -6.15
N LEU D 157 -21.58 21.29 -6.17
CA LEU D 157 -20.72 20.12 -6.25
C LEU D 157 -21.00 19.16 -5.11
N ARG D 158 -21.10 19.69 -3.88
CA ARG D 158 -21.34 18.82 -2.74
C ARG D 158 -22.68 18.11 -2.85
N VAL D 159 -23.73 18.86 -3.22
CA VAL D 159 -25.06 18.25 -3.28
C VAL D 159 -25.13 17.19 -4.36
N CYS D 160 -24.56 17.49 -5.53
CA CYS D 160 -24.57 16.50 -6.62
C CYS D 160 -23.71 15.29 -6.29
N VAL D 161 -22.59 15.48 -5.60
CA VAL D 161 -21.80 14.33 -5.18
C VAL D 161 -22.59 13.46 -4.22
N ARG D 162 -23.28 14.08 -3.26
CA ARG D 162 -24.09 13.29 -2.35
C ARG D 162 -25.17 12.52 -3.10
N ILE D 163 -25.86 13.18 -4.03
CA ILE D 163 -26.90 12.48 -4.78
C ILE D 163 -26.32 11.34 -5.59
N GLU D 164 -25.13 11.55 -6.17
CA GLU D 164 -24.51 10.50 -6.98
C GLU D 164 -24.11 9.31 -6.12
N VAL D 165 -23.58 9.57 -4.92
CA VAL D 165 -23.27 8.46 -4.03
C VAL D 165 -24.54 7.72 -3.64
N TRP D 166 -25.61 8.46 -3.35
CA TRP D 166 -26.87 7.78 -3.01
C TRP D 166 -27.35 6.92 -4.16
N LYS D 167 -27.30 7.44 -5.39
CA LYS D 167 -27.74 6.64 -6.53
C LYS D 167 -26.83 5.44 -6.75
N ALA D 168 -25.54 5.57 -6.48
CA ALA D 168 -24.66 4.41 -6.53
C ALA D 168 -25.11 3.35 -5.54
N ARG D 169 -25.45 3.76 -4.32
CA ARG D 169 -25.97 2.80 -3.35
C ARG D 169 -27.23 2.14 -3.88
N TYR D 170 -28.14 2.94 -4.44
CA TYR D 170 -29.39 2.39 -4.95
C TYR D 170 -29.13 1.36 -6.04
N VAL D 171 -28.20 1.66 -6.94
CA VAL D 171 -27.87 0.72 -8.01
C VAL D 171 -27.30 -0.56 -7.42
N SER D 172 -26.42 -0.44 -6.43
CA SER D 172 -25.80 -1.64 -5.86
C SER D 172 -26.81 -2.55 -5.18
N LEU D 173 -28.02 -2.06 -4.91
CA LEU D 173 -29.01 -2.90 -4.23
C LEU D 173 -29.57 -3.97 -5.14
N VAL D 174 -29.40 -3.86 -6.46
CA VAL D 174 -29.95 -4.84 -7.38
C VAL D 174 -28.97 -5.31 -8.44
N ALA D 175 -27.83 -4.65 -8.62
CA ALA D 175 -26.85 -5.02 -9.64
C ALA D 175 -25.46 -4.98 -9.01
N LEU D 176 -24.90 -6.15 -8.73
CA LEU D 176 -23.59 -6.21 -8.12
C LEU D 176 -22.53 -5.64 -9.06
N ASP D 177 -21.47 -5.10 -8.48
CA ASP D 177 -20.36 -4.55 -9.25
C ASP D 177 -19.27 -5.62 -9.41
N GLU D 178 -18.81 -5.80 -10.64
CA GLU D 178 -17.81 -6.84 -10.89
C GLU D 178 -16.49 -6.53 -10.20
N ARG D 179 -16.12 -5.26 -10.08
CA ARG D 179 -14.82 -4.91 -9.52
C ARG D 179 -14.68 -5.44 -8.11
N ILE D 180 -15.75 -5.39 -7.33
CA ILE D 180 -15.72 -5.82 -5.93
C ILE D 180 -15.73 -7.34 -5.92
N GLN D 181 -14.63 -7.95 -5.47
CA GLN D 181 -14.50 -9.39 -5.41
C GLN D 181 -13.99 -9.92 -4.09
N THR D 182 -13.48 -9.05 -3.20
CA THR D 182 -13.03 -9.48 -1.89
C THR D 182 -13.32 -8.36 -0.90
N LEU D 183 -13.37 -8.71 0.39
CA LEU D 183 -13.60 -7.70 1.40
C LEU D 183 -12.58 -6.58 1.30
N GLU D 184 -11.36 -6.88 0.85
CA GLU D 184 -10.37 -5.83 0.66
C GLU D 184 -10.83 -4.84 -0.39
N ASP D 185 -11.43 -5.32 -1.47
CA ASP D 185 -11.97 -4.42 -2.48
C ASP D 185 -13.27 -3.77 -2.02
N ALA D 186 -14.17 -4.56 -1.42
CA ALA D 186 -15.44 -4.01 -0.97
C ALA D 186 -15.26 -2.96 0.11
N GLN D 187 -14.10 -2.92 0.75
CA GLN D 187 -13.87 -1.90 1.77
C GLN D 187 -13.85 -0.50 1.19
N TRP D 188 -13.57 -0.35 -0.11
CA TRP D 188 -13.41 0.96 -0.72
C TRP D 188 -14.62 1.40 -1.53
N PHE D 189 -15.70 0.63 -1.53
CA PHE D 189 -16.90 1.08 -2.21
C PHE D 189 -17.40 2.36 -1.56
N PRO D 190 -17.97 3.31 -2.32
CA PRO D 190 -18.14 3.33 -3.78
C PRO D 190 -16.91 3.76 -4.55
N TYR D 191 -16.80 3.29 -5.79
CA TYR D 191 -15.73 3.70 -6.69
C TYR D 191 -16.22 4.90 -7.49
N LEU D 192 -15.61 6.06 -7.27
CA LEU D 192 -16.04 7.29 -7.93
C LEU D 192 -14.82 8.11 -8.33
N SER D 193 -15.06 9.05 -9.24
CA SER D 193 -14.00 9.81 -9.87
C SER D 193 -13.29 10.69 -8.85
N GLY D 194 -12.12 11.21 -9.24
CA GLY D 194 -11.31 11.97 -8.31
C GLY D 194 -12.02 13.21 -7.78
N ASP D 195 -12.69 13.95 -8.67
CA ASP D 195 -13.42 15.12 -8.21
C ASP D 195 -14.48 14.76 -7.20
N SER D 196 -15.13 13.61 -7.38
CA SER D 196 -16.12 13.17 -6.40
C SER D 196 -15.46 12.93 -5.05
N TYR D 197 -14.28 12.33 -5.03
CA TYR D 197 -13.57 12.15 -3.77
C TYR D 197 -13.22 13.48 -3.14
N ARG D 198 -12.73 14.42 -3.95
CA ARG D 198 -12.32 15.72 -3.40
C ARG D 198 -13.51 16.46 -2.80
N ALA D 199 -14.66 16.41 -3.46
CA ALA D 199 -15.82 17.15 -2.97
C ALA D 199 -16.26 16.64 -1.60
N CYS D 200 -16.36 15.32 -1.45
CA CYS D 200 -16.84 14.70 -0.21
C CYS D 200 -15.91 13.56 0.18
N PRO D 201 -14.71 13.87 0.65
CA PRO D 201 -13.77 12.79 1.00
C PRO D 201 -14.29 11.88 2.08
N GLY D 202 -15.20 12.36 2.93
CA GLY D 202 -15.72 11.53 4.00
C GLY D 202 -16.74 10.50 3.57
N LEU D 203 -17.30 10.63 2.38
CA LEU D 203 -18.31 9.71 1.87
C LEU D 203 -17.87 8.92 0.65
N VAL D 204 -17.07 9.50 -0.22
CA VAL D 204 -16.68 8.85 -1.47
C VAL D 204 -15.38 8.09 -1.25
N GLY D 205 -15.37 6.84 -1.64
CA GLY D 205 -14.20 6.00 -1.58
C GLY D 205 -13.54 5.86 -2.93
N GLY D 206 -12.90 4.72 -3.15
CA GLY D 206 -12.29 4.41 -4.43
C GLY D 206 -10.79 4.56 -4.42
N TYR D 207 -10.24 4.72 -5.63
CA TYR D 207 -8.79 4.78 -5.79
C TYR D 207 -8.20 5.94 -5.01
N PHE D 208 -8.82 7.11 -5.11
CA PHE D 208 -8.30 8.28 -4.41
C PHE D 208 -8.34 8.08 -2.90
N ALA D 209 -9.44 7.53 -2.38
CA ALA D 209 -9.53 7.26 -0.96
C ALA D 209 -8.49 6.24 -0.51
N LYS D 210 -8.25 5.21 -1.34
CA LYS D 210 -7.23 4.22 -1.01
C LYS D 210 -5.86 4.88 -0.94
N LYS D 211 -5.53 5.72 -1.92
CA LYS D 211 -4.24 6.40 -1.90
C LYS D 211 -4.11 7.30 -0.69
N ALA D 212 -5.18 8.04 -0.37
CA ALA D 212 -5.12 8.95 0.78
C ALA D 212 -4.91 8.18 2.07
N ALA D 213 -5.62 7.06 2.25
CA ALA D 213 -5.45 6.26 3.45
C ALA D 213 -4.05 5.67 3.51
N ALA D 214 -3.52 5.22 2.38
CA ALA D 214 -2.18 4.63 2.36
C ALA D 214 -1.11 5.68 2.59
N GLY D 215 -1.32 6.91 2.12
CA GLY D 215 -0.34 7.97 2.26
C GLY D 215 -0.38 8.61 3.64
N GLU D 216 0.41 9.67 3.78
CA GLU D 216 0.46 10.37 5.04
C GLU D 216 -0.89 10.99 5.36
N ARG D 217 -1.29 10.92 6.63
CA ARG D 217 -2.58 11.39 7.10
C ARG D 217 -2.39 12.78 7.71
N GLY D 218 -2.90 13.80 7.02
CA GLY D 218 -2.79 15.18 7.47
C GLY D 218 -3.97 15.59 8.33
N LYS D 219 -4.05 16.90 8.56
CA LYS D 219 -5.12 17.47 9.39
C LYS D 219 -6.47 17.45 8.69
N ASN D 220 -6.51 17.33 7.37
CA ASN D 220 -7.75 17.33 6.62
C ASN D 220 -8.21 15.93 6.24
N TYR D 221 -7.56 14.90 6.77
CA TYR D 221 -7.93 13.53 6.44
C TYR D 221 -9.25 13.16 7.10
N LYS D 222 -10.16 12.58 6.32
CA LYS D 222 -11.44 12.10 6.80
C LYS D 222 -11.55 10.61 6.51
N LYS D 223 -11.98 9.84 7.51
CA LYS D 223 -12.18 8.42 7.29
C LYS D 223 -13.43 8.19 6.45
N LEU D 224 -13.38 7.18 5.60
CA LEU D 224 -14.48 6.90 4.67
C LEU D 224 -15.68 6.37 5.45
N ASN D 225 -16.63 7.23 5.75
CA ASN D 225 -17.86 6.84 6.45
C ASN D 225 -18.80 6.24 5.40
N GLN D 226 -18.63 4.93 5.16
CA GLN D 226 -19.30 4.30 4.03
C GLN D 226 -20.82 4.34 4.18
N THR D 227 -21.33 4.19 5.41
CA THR D 227 -22.76 4.05 5.65
C THR D 227 -23.36 5.29 6.29
N ALA D 228 -22.90 6.47 5.92
CA ALA D 228 -23.50 7.70 6.40
C ALA D 228 -24.91 7.84 5.86
N ILE D 229 -25.75 8.56 6.59
CA ILE D 229 -27.15 8.74 6.19
C ILE D 229 -27.23 9.80 5.10
N ILE D 230 -27.98 9.49 4.05
CA ILE D 230 -28.19 10.38 2.92
C ILE D 230 -29.66 10.36 2.55
N PRO D 231 -30.42 11.44 2.76
CA PRO D 231 -31.85 11.38 2.45
C PRO D 231 -32.05 11.16 0.97
N PRO D 232 -33.17 10.54 0.58
CA PRO D 232 -33.42 10.25 -0.84
C PRO D 232 -33.35 11.50 -1.68
N PRO D 233 -33.27 11.37 -3.01
CA PRO D 233 -33.16 12.56 -3.85
C PRO D 233 -34.30 13.54 -3.70
N ARG D 234 -35.53 13.06 -3.57
CA ARG D 234 -36.67 13.97 -3.48
C ARG D 234 -36.71 14.70 -2.14
N PHE D 235 -36.01 14.19 -1.13
CA PHE D 235 -35.88 14.90 0.13
C PHE D 235 -34.60 15.70 0.22
N LEU D 236 -33.54 15.23 -0.44
CA LEU D 236 -32.25 15.91 -0.34
C LEU D 236 -32.29 17.27 -1.02
N ILE D 237 -33.24 17.47 -1.94
CA ILE D 237 -33.39 18.76 -2.60
C ILE D 237 -34.44 19.65 -1.93
N ILE D 238 -35.16 19.12 -0.94
CA ILE D 238 -36.15 19.92 -0.20
C ILE D 238 -35.70 20.20 1.23
N GLY D 239 -34.72 19.46 1.74
CA GLY D 239 -34.22 19.66 3.08
C GLY D 239 -34.91 18.84 4.15
N HIS D 240 -35.96 18.10 3.80
CA HIS D 240 -36.68 17.29 4.78
C HIS D 240 -35.80 16.10 5.14
N ARG D 241 -35.09 16.21 6.26
CA ARG D 241 -34.20 15.14 6.69
C ARG D 241 -34.98 13.84 6.89
N LEU D 242 -34.38 12.74 6.48
CA LEU D 242 -34.99 11.43 6.71
C LEU D 242 -35.22 11.24 8.20
N GLN D 243 -36.41 10.75 8.55
CA GLN D 243 -36.76 10.52 9.95
C GLN D 243 -37.93 9.55 10.00
N ILE D 244 -38.30 9.15 11.22
CA ILE D 244 -39.38 8.21 11.40
C ILE D 244 -40.70 8.85 10.97
N GLY D 245 -41.60 8.04 10.42
CA GLY D 245 -42.88 8.50 9.95
C GLY D 245 -42.93 8.83 8.46
N ASP D 246 -41.78 8.98 7.82
CA ASP D 246 -41.76 9.27 6.40
C ASP D 246 -42.23 8.06 5.59
N GLN D 247 -42.91 8.32 4.49
CA GLN D 247 -43.42 7.28 3.60
C GLN D 247 -42.45 7.09 2.46
N VAL D 248 -41.72 5.98 2.46
CA VAL D 248 -40.68 5.71 1.47
C VAL D 248 -40.74 4.24 1.07
N THR D 249 -40.15 3.94 -0.07
CA THR D 249 -40.05 2.57 -0.56
C THR D 249 -38.89 1.85 0.12
N LEU D 250 -38.98 0.52 0.17
CA LEU D 250 -37.95 -0.27 0.82
C LEU D 250 -36.60 -0.07 0.14
N ARG D 251 -36.56 -0.10 -1.19
CA ARG D 251 -35.29 0.02 -1.89
C ARG D 251 -34.64 1.37 -1.62
N GLU D 252 -35.41 2.45 -1.67
CA GLU D 252 -34.81 3.78 -1.51
C GLU D 252 -34.32 3.98 -0.08
N LEU D 253 -35.09 3.55 0.91
CA LEU D 253 -34.63 3.65 2.30
C LEU D 253 -33.36 2.83 2.50
N LEU D 254 -33.33 1.60 1.97
CA LEU D 254 -32.18 0.74 2.15
C LEU D 254 -30.93 1.34 1.50
N ALA D 255 -31.08 1.89 0.30
CA ALA D 255 -29.94 2.53 -0.34
C ALA D 255 -29.53 3.80 0.40
N SER D 256 -30.47 4.42 1.12
CA SER D 256 -30.11 5.60 1.92
C SER D 256 -29.27 5.23 3.13
N ILE D 257 -29.69 4.20 3.88
CA ILE D 257 -29.04 3.88 5.15
C ILE D 257 -27.96 2.83 5.02
N ALA D 258 -27.88 2.12 3.89
CA ALA D 258 -26.87 1.09 3.67
C ALA D 258 -26.76 0.87 2.16
N TRP D 259 -26.03 -0.15 1.75
CA TRP D 259 -25.81 -0.38 0.32
C TRP D 259 -26.00 -1.87 0.03
N GLY D 260 -25.58 -2.28 -1.17
CA GLY D 260 -25.91 -3.62 -1.63
C GLY D 260 -25.39 -4.72 -0.72
N LEU D 261 -24.17 -4.57 -0.20
CA LEU D 261 -23.49 -5.64 0.51
C LEU D 261 -23.50 -5.47 2.02
N CYS D 262 -24.33 -4.58 2.56
CA CYS D 262 -24.54 -4.54 4.01
C CYS D 262 -25.54 -5.60 4.43
N ASP D 263 -25.50 -5.94 5.73
CA ASP D 263 -26.30 -7.03 6.24
C ASP D 263 -27.78 -6.77 6.00
N GLY D 264 -28.55 -7.84 5.85
CA GLY D 264 -29.96 -7.72 5.55
C GLY D 264 -30.83 -7.28 6.71
N VAL D 265 -30.29 -7.32 7.93
CA VAL D 265 -31.11 -6.95 9.09
C VAL D 265 -31.64 -5.54 8.98
N LEU D 266 -30.95 -4.67 8.23
CA LEU D 266 -31.41 -3.30 8.10
C LEU D 266 -32.80 -3.23 7.49
N ALA D 267 -33.22 -4.29 6.78
CA ALA D 267 -34.56 -4.31 6.20
C ALA D 267 -35.64 -4.17 7.27
N GLU D 268 -35.31 -4.48 8.53
CA GLU D 268 -36.28 -4.31 9.60
C GLU D 268 -36.73 -2.87 9.77
N CYS D 269 -35.98 -1.91 9.23
CA CYS D 269 -36.30 -0.50 9.38
C CYS D 269 -37.46 -0.05 8.49
N TRP D 270 -38.18 -0.97 7.86
CA TRP D 270 -39.29 -0.64 7.00
C TRP D 270 -40.51 -1.47 7.38
N SER D 271 -41.68 -0.92 7.10
CA SER D 271 -42.94 -1.61 7.36
C SER D 271 -43.91 -1.36 6.20
N PRO D 272 -44.37 -2.40 5.50
CA PRO D 272 -45.32 -2.19 4.42
C PRO D 272 -46.60 -1.53 4.92
N SER D 273 -47.16 -0.67 4.08
CA SER D 273 -48.39 0.02 4.42
C SER D 273 -49.60 -0.87 4.14
N GLN D 274 -50.77 -0.39 4.53
CA GLN D 274 -52.02 -1.13 4.35
C GLN D 274 -52.61 -0.95 2.95
N GLY D 275 -51.99 -0.12 2.10
CA GLY D 275 -52.50 0.11 0.77
C GLY D 275 -51.83 -0.76 -0.28
N ASP D 276 -51.23 -0.12 -1.28
CA ASP D 276 -50.55 -0.85 -2.34
C ASP D 276 -49.38 -1.66 -1.78
N GLY D 277 -48.61 -1.07 -0.87
CA GLY D 277 -47.44 -1.71 -0.31
C GLY D 277 -46.14 -1.30 -0.97
N SER D 278 -46.19 -0.65 -2.13
CA SER D 278 -44.96 -0.18 -2.76
C SER D 278 -44.25 0.84 -1.90
N ILE D 279 -45.00 1.75 -1.29
CA ILE D 279 -44.45 2.77 -0.40
C ILE D 279 -44.97 2.49 1.00
N GLY D 280 -44.06 2.28 1.94
CA GLY D 280 -44.42 2.00 3.32
C GLY D 280 -44.18 3.17 4.23
N VAL D 281 -43.57 2.90 5.39
CA VAL D 281 -43.27 3.95 6.37
C VAL D 281 -41.99 3.56 7.09
N VAL D 282 -41.20 4.57 7.46
CA VAL D 282 -39.98 4.37 8.22
C VAL D 282 -40.36 4.25 9.69
N VAL D 283 -39.94 3.16 10.33
CA VAL D 283 -40.24 2.90 11.73
C VAL D 283 -39.05 3.20 12.62
N GLY D 284 -37.85 2.83 12.19
CA GLY D 284 -36.65 3.07 12.97
C GLY D 284 -35.44 3.15 12.08
N LEU D 285 -34.38 3.76 12.60
CA LEU D 285 -33.13 3.89 11.86
C LEU D 285 -31.98 3.22 12.60
N PRO D 286 -31.02 2.65 11.88
CA PRO D 286 -29.87 2.05 12.56
C PRO D 286 -29.02 3.10 13.26
N LEU D 287 -28.33 2.66 14.31
CA LEU D 287 -27.42 3.49 15.06
C LEU D 287 -25.99 3.01 14.81
N GLN D 288 -25.06 3.96 14.71
CA GLN D 288 -23.67 3.64 14.40
C GLN D 288 -22.95 3.26 15.69
N ALA D 289 -22.53 2.00 15.79
CA ALA D 289 -21.70 1.58 16.91
C ALA D 289 -20.27 2.09 16.72
N THR D 290 -19.57 2.29 17.84
CA THR D 290 -18.25 2.89 17.81
C THR D 290 -17.39 2.31 18.94
N GLY D 291 -16.08 2.42 18.76
CA GLY D 291 -15.13 2.06 19.80
C GLY D 291 -14.85 0.58 19.90
N SER D 292 -14.30 0.21 21.06
CA SER D 292 -14.03 -1.19 21.39
C SER D 292 -13.06 -1.83 20.40
N CYS D 293 -11.82 -1.34 20.36
CA CYS D 293 -10.75 -1.98 19.60
C CYS D 293 -10.29 -3.23 20.34
N PHE D 294 -9.86 -4.23 19.59
CA PHE D 294 -9.50 -5.54 20.15
C PHE D 294 -8.04 -5.90 19.91
N LEU D 295 -7.17 -4.91 19.70
CA LEU D 295 -5.77 -5.20 19.44
C LEU D 295 -5.01 -5.45 20.73
N VAL D 296 -3.93 -6.25 20.61
CA VAL D 296 -3.06 -6.54 21.73
C VAL D 296 -1.62 -6.46 21.26
N VAL D 297 -0.94 -5.35 21.58
CA VAL D 297 0.41 -5.13 21.08
C VAL D 297 1.39 -6.08 21.76
N ALA D 298 2.41 -6.49 21.02
CA ALA D 298 3.42 -7.40 21.57
C ALA D 298 4.25 -6.71 22.63
N SER D 299 4.55 -7.46 23.69
CA SER D 299 5.39 -6.95 24.77
C SER D 299 5.93 -8.14 25.56
N HIS D 300 7.13 -7.96 26.12
CA HIS D 300 7.75 -8.98 26.96
C HIS D 300 7.83 -10.32 26.23
N GLY D 301 8.21 -10.28 24.95
CA GLY D 301 8.35 -11.47 24.15
C GLY D 301 7.08 -11.99 23.52
N LEU D 302 5.96 -11.28 23.67
CA LEU D 302 4.71 -11.71 23.07
C LEU D 302 4.69 -11.36 21.58
N SER D 303 3.58 -11.69 20.92
CA SER D 303 3.36 -11.38 19.52
C SER D 303 2.02 -10.68 19.38
N ALA D 304 1.93 -9.81 18.39
CA ALA D 304 0.73 -9.02 18.21
C ALA D 304 -0.46 -9.90 17.82
N ILE D 305 -1.64 -9.46 18.21
CA ILE D 305 -2.90 -10.12 17.88
C ILE D 305 -3.78 -9.12 17.16
N ALA D 306 -4.07 -9.38 15.88
CA ALA D 306 -4.88 -8.45 15.11
C ALA D 306 -6.32 -8.40 15.60
N ASP D 307 -6.83 -9.50 16.14
CA ASP D 307 -8.21 -9.56 16.63
C ASP D 307 -8.26 -10.55 17.77
N SER D 308 -8.63 -10.08 18.97
CA SER D 308 -8.68 -10.96 20.14
C SER D 308 -9.69 -12.08 19.94
N ARG D 309 -10.85 -11.75 19.38
CA ARG D 309 -11.90 -12.75 19.15
C ARG D 309 -11.43 -13.80 18.15
N GLY D 314 -17.01 -17.45 18.90
CA GLY D 314 -17.07 -16.48 17.82
C GLY D 314 -18.15 -16.78 16.81
N ASN D 315 -18.24 -18.03 16.39
CA ASN D 315 -19.23 -18.42 15.38
C ASN D 315 -20.64 -18.07 15.84
N THR D 316 -20.97 -18.41 17.09
CA THR D 316 -22.32 -18.16 17.58
C THR D 316 -22.63 -16.66 17.58
N ASN D 317 -21.69 -15.85 18.06
CA ASN D 317 -21.89 -14.41 18.04
C ASN D 317 -21.72 -13.81 16.65
N LEU D 318 -20.81 -14.37 15.85
CA LEU D 318 -20.61 -13.86 14.49
C LEU D 318 -21.85 -14.03 13.65
N LEU D 319 -22.60 -15.12 13.84
CA LEU D 319 -23.79 -15.38 13.04
C LEU D 319 -24.98 -14.56 13.54
N GLU D 320 -25.42 -14.79 14.77
CA GLU D 320 -26.57 -14.08 15.31
C GLU D 320 -26.30 -12.58 15.41
N GLU D 321 -25.38 -12.20 16.30
CA GLU D 321 -25.00 -10.80 16.48
C GLU D 321 -26.23 -9.96 16.81
N CYS D 322 -26.06 -8.65 16.91
CA CYS D 322 -27.19 -7.74 17.09
C CYS D 322 -26.82 -6.37 16.57
N ILE D 323 -27.85 -5.60 16.19
CA ILE D 323 -27.70 -4.24 15.71
C ILE D 323 -28.70 -3.36 16.46
N ALA D 324 -28.26 -2.17 16.86
CA ALA D 324 -29.09 -1.25 17.63
C ALA D 324 -29.87 -0.37 16.66
N ILE D 325 -31.19 -0.54 16.65
CA ILE D 325 -32.08 0.26 15.82
C ILE D 325 -32.87 1.18 16.73
N GLN D 326 -32.73 2.49 16.51
CA GLN D 326 -33.50 3.46 17.25
C GLN D 326 -34.87 3.62 16.60
N LYS D 327 -35.92 3.27 17.35
CA LYS D 327 -37.29 3.39 16.90
C LYS D 327 -37.96 4.54 17.64
N GLN D 328 -39.23 4.78 17.30
CA GLN D 328 -39.99 5.82 17.98
C GLN D 328 -40.13 5.51 19.47
N ASP D 329 -40.40 4.24 19.79
CA ASP D 329 -40.52 3.85 21.19
C ASP D 329 -39.17 3.88 21.89
N GLY D 330 -38.14 3.33 21.25
CA GLY D 330 -36.82 3.31 21.84
C GLY D 330 -35.89 2.40 21.06
N VAL D 331 -34.68 2.24 21.62
CA VAL D 331 -33.68 1.39 20.99
C VAL D 331 -34.08 -0.07 21.12
N ILE D 332 -33.85 -0.82 20.05
CA ILE D 332 -34.13 -2.25 20.01
C ILE D 332 -32.93 -2.97 19.40
N LYS D 333 -32.56 -4.11 19.99
CA LYS D 333 -31.47 -4.92 19.48
C LYS D 333 -32.06 -5.99 18.57
N CYS D 334 -31.76 -5.90 17.27
CA CYS D 334 -32.26 -6.85 16.29
C CYS D 334 -31.10 -7.73 15.82
N LYS D 335 -31.27 -9.04 15.94
CA LYS D 335 -30.24 -9.97 15.52
C LYS D 335 -29.98 -9.85 14.02
N ARG D 336 -28.70 -9.85 13.64
CA ARG D 336 -28.35 -9.73 12.23
C ARG D 336 -28.82 -10.95 11.46
N SER D 337 -29.29 -10.73 10.23
CA SER D 337 -29.76 -11.82 9.40
C SER D 337 -28.62 -12.64 8.81
N GLY D 338 -27.40 -12.11 8.82
CA GLY D 338 -26.25 -12.86 8.37
C GLY D 338 -26.10 -13.00 6.88
N LYS D 339 -26.85 -12.23 6.09
CA LYS D 339 -26.82 -12.32 4.64
C LYS D 339 -26.72 -10.93 4.04
N SER D 340 -26.22 -10.87 2.81
CA SER D 340 -26.09 -9.59 2.11
C SER D 340 -27.47 -9.02 1.81
N LEU D 341 -27.55 -7.68 1.83
CA LEU D 341 -28.82 -7.02 1.56
C LEU D 341 -29.31 -7.31 0.15
N TYR D 342 -28.39 -7.33 -0.82
CA TYR D 342 -28.79 -7.62 -2.19
C TYR D 342 -29.41 -9.00 -2.30
N HIS D 343 -28.82 -10.00 -1.63
CA HIS D 343 -29.38 -11.34 -1.63
C HIS D 343 -30.76 -11.35 -0.97
N CYS D 344 -30.92 -10.63 0.13
CA CYS D 344 -32.22 -10.59 0.80
C CYS D 344 -33.29 -9.99 -0.09
N LEU D 345 -32.96 -8.88 -0.77
CA LEU D 345 -33.94 -8.27 -1.67
C LEU D 345 -34.27 -9.21 -2.82
N LYS D 346 -33.27 -9.87 -3.40
CA LYS D 346 -33.54 -10.79 -4.49
C LYS D 346 -34.43 -11.93 -4.03
N GLU D 347 -34.16 -12.50 -2.85
CA GLU D 347 -34.96 -13.59 -2.34
C GLU D 347 -36.39 -13.14 -2.08
N THR D 348 -36.56 -11.95 -1.50
CA THR D 348 -37.90 -11.44 -1.25
C THR D 348 -38.66 -11.23 -2.56
N ALA D 349 -37.96 -10.74 -3.60
CA ALA D 349 -38.59 -10.57 -4.89
C ALA D 349 -39.04 -11.89 -5.50
N GLY D 350 -38.43 -13.00 -5.09
CA GLY D 350 -38.78 -14.30 -5.63
C GLY D 350 -40.25 -14.65 -5.41
#